data_7OM6
#
_entry.id   7OM6
#
_cell.length_a   65.636
_cell.length_b   204.028
_cell.length_c   70.076
_cell.angle_alpha   90.000
_cell.angle_beta   97.190
_cell.angle_gamma   90.000
#
_symmetry.space_group_name_H-M   'P 1 21 1'
#
loop_
_entity.id
_entity.type
_entity.pdbx_description
1 polymer 'RNA-dependent RNA polymerase'
2 polymer "RNA (5'-R(P*AP*AP*AP*UP*UP*U)-3')"
3 non-polymer DI(HYDROXYETHYL)ETHER
4 water water
#
loop_
_entity_poly.entity_id
_entity_poly.type
_entity_poly.pdbx_seq_one_letter_code
_entity_poly.pdbx_strand_id
1 'polypeptide(L)'
;MGSSHHHHHHSQDLENLYFQGGSTRLSLEAMLAERAMVARQDLAGLKRKLAGADRVLAPQSPEQCGRESAQAQARSVTSE
LKSAVKEAQGLEHQTLDFLEQLGEYPVCGILHGDHPVHPSGTHNNNGKVSVKRQFAAGVNTSDALTCAFRFEDSDLVRET
ALKTTYTDGTWAGFVQRLKMQTTRKCVQEKVSRKLLKQLFPYDPQKLVDVSGELSELVLGIKTNAIASAGPPYWRTKRDA
LPDMLDCVLPLLYDHIVRKDLTTLRNKHPELFLAECKNKTDRYEVESLGEKTRPYFSHPFHLSALVSVLSQSFSGALKIM
TEDSTSFNAYGFSWTNGGAEDLAIWARQAGEAGKKPPRIACYGDDTDIYYRKDGKLYRICPDFKQMDGSVDATTIEAVVD
YVVDAHVKQYPTARQFWEEVGKLWVEMATQSPFLIDGTKVYRKMQKDGLMTGVVGTTLFDTVKSALAYNDWADQLMFGSL
NLLEEKYAIEFFKNKHGLVIKEGTWKPALVNEDPGFGELWTEQKFLGLQLKVVRRENEKVYVPNLPFEDWLTMWVTPRSK
YRSKETETMRERTLFDRARGLLVTGAVFDERARGLMGAVINSTAPEVVCMRVQEGGGRGAPPAYAFLTRDGVFEFPISDG
YPSYDWVVSLYSRDHPCDMPRVFPEAATLIASYRKQVMDTRVVI
;
A,B
2 'polyribonucleotide' CAAAAUUU C,D,E,F
#
loop_
_chem_comp.id
_chem_comp.type
_chem_comp.name
_chem_comp.formula
A RNA linking ADENOSINE-5'-MONOPHOSPHATE 'C10 H14 N5 O7 P'
C RNA linking CYTIDINE-5'-MONOPHOSPHATE 'C9 H14 N3 O8 P'
PEG non-polymer DI(HYDROXYETHYL)ETHER 'C4 H10 O3'
U RNA linking URIDINE-5'-MONOPHOSPHATE 'C9 H13 N2 O9 P'
#
# COMPACT_ATOMS: atom_id res chain seq x y z
N THR A 24 -13.20 9.26 6.96
CA THR A 24 -13.89 8.97 5.68
C THR A 24 -14.89 7.81 5.86
N ARG A 25 -15.80 7.63 4.91
CA ARG A 25 -16.77 6.52 4.98
C ARG A 25 -16.07 5.20 4.61
N LEU A 26 -16.06 4.25 5.54
CA LEU A 26 -15.34 2.97 5.31
C LEU A 26 -16.15 1.78 5.84
N SER A 27 -15.98 0.61 5.24
CA SER A 27 -16.63 -0.61 5.76
C SER A 27 -15.98 -0.99 7.10
N LEU A 28 -16.73 -1.65 7.97
CA LEU A 28 -16.17 -2.09 9.26
C LEU A 28 -15.04 -3.11 9.02
N GLU A 29 -15.16 -3.93 7.99
CA GLU A 29 -14.09 -4.90 7.63
C GLU A 29 -12.79 -4.15 7.31
N ALA A 30 -12.89 -3.09 6.52
CA ALA A 30 -11.71 -2.28 6.15
C ALA A 30 -11.14 -1.54 7.37
N MET A 31 -12.01 -1.09 8.27
CA MET A 31 -11.55 -0.43 9.52
C MET A 31 -10.75 -1.42 10.38
N LEU A 32 -11.20 -2.68 10.44
CA LEU A 32 -10.48 -3.72 11.22
C LEU A 32 -9.12 -3.99 10.60
N ALA A 33 -9.06 -4.03 9.27
CA ALA A 33 -7.78 -4.26 8.57
C ALA A 33 -6.82 -3.10 8.82
N GLU A 34 -7.31 -1.86 8.74
CA GLU A 34 -6.47 -0.69 9.05
C GLU A 34 -5.95 -0.80 10.48
N ARG A 35 -6.81 -1.16 11.43
CA ARG A 35 -6.41 -1.21 12.86
C ARG A 35 -5.29 -2.22 13.08
N ALA A 36 -5.42 -3.41 12.47
CA ALA A 36 -4.42 -4.48 12.62
C ALA A 36 -3.05 -4.01 12.15
N MET A 37 -2.97 -3.44 10.95
CA MET A 37 -1.70 -2.93 10.39
C MET A 37 -1.07 -1.93 11.36
N VAL A 38 -1.86 -0.98 11.84
CA VAL A 38 -1.35 0.05 12.77
C VAL A 38 -0.84 -0.61 14.05
N ALA A 39 -1.55 -1.60 14.58
CA ALA A 39 -1.20 -2.22 15.88
C ALA A 39 0.13 -2.99 15.79
N ARG A 40 0.41 -3.58 14.64
CA ARG A 40 1.68 -4.31 14.45
C ARG A 40 2.85 -3.32 14.44
N GLN A 41 2.57 -2.02 14.32
CA GLN A 41 3.64 -0.98 14.36
C GLN A 41 3.73 -0.38 15.76
N ASP A 42 2.79 -0.71 16.66
CA ASP A 42 2.85 -0.22 18.07
C ASP A 42 3.44 -1.33 18.93
N LEU A 43 4.74 -1.28 19.19
CA LEU A 43 5.39 -2.40 19.93
C LEU A 43 4.91 -2.46 21.38
N ALA A 44 4.64 -1.30 21.99
CA ALA A 44 4.19 -1.26 23.40
C ALA A 44 2.80 -1.89 23.47
N GLY A 45 1.95 -1.60 22.50
CA GLY A 45 0.63 -2.25 22.46
C GLY A 45 0.75 -3.73 22.20
N LEU A 46 1.64 -4.14 21.30
CA LEU A 46 1.88 -5.57 21.03
C LEU A 46 2.33 -6.25 22.33
N LYS A 47 3.26 -5.63 23.04
CA LYS A 47 3.73 -6.20 24.32
C LYS A 47 2.54 -6.44 25.25
N ARG A 48 1.66 -5.45 25.41
CA ARG A 48 0.53 -5.56 26.36
C ARG A 48 -0.46 -6.63 25.90
N LYS A 49 -0.81 -6.65 24.62
CA LYS A 49 -1.85 -7.58 24.14
C LYS A 49 -1.34 -9.03 24.09
N LEU A 50 -0.03 -9.25 24.12
CA LEU A 50 0.55 -10.61 23.99
C LEU A 50 1.16 -11.04 25.33
N ALA A 51 0.88 -10.32 26.41
CA ALA A 51 1.52 -10.60 27.71
C ALA A 51 1.04 -11.91 28.32
N GLY A 52 -0.16 -12.37 27.99
CA GLY A 52 -0.62 -13.66 28.51
C GLY A 52 -0.82 -14.71 27.42
N ALA A 53 -0.31 -14.44 26.21
CA ALA A 53 -0.55 -15.34 25.08
C ALA A 53 0.26 -16.63 25.21
N ASP A 54 -0.31 -17.73 24.74
CA ASP A 54 0.45 -19.00 24.72
C ASP A 54 1.51 -18.90 23.61
N ARG A 55 2.74 -19.28 23.95
CA ARG A 55 3.83 -19.28 22.97
C ARG A 55 4.18 -20.72 22.61
N VAL A 56 4.16 -21.05 21.32
CA VAL A 56 4.62 -22.38 20.86
C VAL A 56 6.14 -22.29 20.77
N LEU A 57 6.83 -22.67 21.84
CA LEU A 57 8.30 -22.54 21.93
C LEU A 57 9.02 -23.58 21.09
N ALA A 58 10.06 -23.14 20.40
CA ALA A 58 10.89 -24.04 19.58
C ALA A 58 11.72 -24.94 20.48
N PRO A 59 12.10 -26.18 20.04
CA PRO A 59 13.01 -27.00 20.81
C PRO A 59 14.34 -26.27 20.98
N GLN A 60 14.88 -26.30 22.19
CA GLN A 60 16.13 -25.56 22.46
C GLN A 60 17.06 -26.25 23.46
N SER A 61 18.33 -25.91 23.36
CA SER A 61 19.34 -26.44 24.31
C SER A 61 19.46 -25.46 25.47
N PRO A 62 19.89 -25.85 26.70
CA PRO A 62 19.86 -24.91 27.82
C PRO A 62 21.01 -23.91 27.91
N GLU A 63 20.87 -22.92 28.80
CA GLU A 63 21.90 -21.87 28.99
C GLU A 63 23.15 -22.45 29.65
N GLN A 64 24.30 -22.28 29.03
CA GLN A 64 25.56 -22.79 29.60
C GLN A 64 26.16 -21.72 30.51
N CYS A 65 25.71 -20.47 30.39
CA CYS A 65 26.32 -19.38 31.17
C CYS A 65 25.43 -18.13 31.17
N GLY A 66 25.71 -17.19 32.07
CA GLY A 66 24.86 -16.00 32.21
C GLY A 66 25.16 -14.91 31.22
N ARG A 67 24.28 -13.92 31.13
CA ARG A 67 24.46 -12.84 30.13
C ARG A 67 25.80 -12.16 30.31
N GLU A 68 26.14 -11.72 31.53
CA GLU A 68 27.40 -10.99 31.77
C GLU A 68 28.62 -11.83 31.34
N SER A 69 28.70 -13.08 31.75
CA SER A 69 29.88 -13.92 31.40
C SER A 69 29.97 -14.07 29.89
N ALA A 70 28.85 -14.27 29.21
CA ALA A 70 28.82 -14.46 27.75
C ALA A 70 29.26 -13.17 27.05
N GLN A 71 28.71 -12.03 27.48
CA GLN A 71 29.12 -10.73 26.92
C GLN A 71 30.64 -10.56 27.10
N ALA A 72 31.16 -10.99 28.25
CA ALA A 72 32.59 -10.76 28.55
C ALA A 72 33.47 -11.63 27.67
N GLN A 73 33.10 -12.90 27.51
CA GLN A 73 33.93 -13.81 26.71
C GLN A 73 33.89 -13.34 25.27
N ALA A 74 32.76 -12.76 24.85
CA ALA A 74 32.63 -12.23 23.48
C ALA A 74 33.58 -11.04 23.33
N ARG A 75 33.56 -10.11 24.27
CA ARG A 75 34.48 -8.95 24.24
C ARG A 75 35.92 -9.45 24.13
N SER A 76 36.28 -10.50 24.87
CA SER A 76 37.67 -11.00 24.88
C SER A 76 38.09 -11.52 23.50
N VAL A 77 37.28 -12.40 22.91
CA VAL A 77 37.57 -12.97 21.57
C VAL A 77 37.60 -11.82 20.57
N THR A 78 36.71 -10.85 20.73
CA THR A 78 36.64 -9.71 19.78
C THR A 78 37.94 -8.91 19.83
N SER A 79 38.47 -8.63 21.02
CA SER A 79 39.74 -7.89 21.18
C SER A 79 40.87 -8.63 20.46
N GLU A 80 40.94 -9.93 20.67
CA GLU A 80 42.02 -10.73 20.05
C GLU A 80 41.87 -10.69 18.54
N LEU A 81 40.65 -10.88 18.03
CA LEU A 81 40.43 -10.94 16.57
C LEU A 81 40.75 -9.59 15.93
N LYS A 82 40.35 -8.49 16.57
CA LYS A 82 40.63 -7.14 16.04
C LYS A 82 42.14 -6.98 15.89
N SER A 83 42.90 -7.44 16.88
CA SER A 83 44.37 -7.28 16.85
C SER A 83 44.96 -8.01 15.65
N ALA A 84 44.56 -9.27 15.45
CA ALA A 84 45.11 -10.07 14.34
C ALA A 84 44.75 -9.43 13.00
N VAL A 85 43.53 -8.93 12.87
CA VAL A 85 43.07 -8.28 11.61
C VAL A 85 43.91 -7.02 11.36
N LYS A 86 44.10 -6.21 12.39
CA LYS A 86 44.91 -4.96 12.27
C LYS A 86 46.33 -5.30 11.84
N GLU A 87 46.90 -6.37 12.39
CA GLU A 87 48.29 -6.73 12.06
C GLU A 87 48.36 -7.14 10.59
N ALA A 88 47.40 -7.94 10.13
CA ALA A 88 47.39 -8.38 8.72
C ALA A 88 47.12 -7.18 7.82
N GLN A 89 46.32 -6.22 8.29
CA GLN A 89 45.97 -5.03 7.49
C GLN A 89 47.19 -4.12 7.37
N GLY A 90 48.09 -4.17 8.35
CA GLY A 90 49.29 -3.31 8.32
C GLY A 90 50.35 -3.85 7.37
N LEU A 91 50.21 -5.11 6.94
CA LEU A 91 51.25 -5.74 6.09
C LEU A 91 51.37 -5.00 4.77
N GLU A 92 52.60 -4.67 4.38
CA GLU A 92 52.83 -3.95 3.10
C GLU A 92 52.31 -4.78 1.92
N HIS A 93 51.88 -4.10 0.87
CA HIS A 93 51.33 -4.81 -0.31
C HIS A 93 52.34 -4.76 -1.47
N GLN A 94 52.24 -5.72 -2.37
CA GLN A 94 53.18 -5.76 -3.53
C GLN A 94 52.77 -4.73 -4.58
N THR A 95 53.63 -4.52 -5.58
CA THR A 95 53.37 -3.47 -6.60
C THR A 95 52.24 -3.84 -7.55
N LEU A 96 51.60 -2.84 -8.15
CA LEU A 96 50.51 -3.05 -9.14
C LEU A 96 51.08 -2.89 -10.55
N ASP A 97 52.39 -3.16 -10.72
CA ASP A 97 53.07 -2.97 -12.03
C ASP A 97 52.72 -4.11 -12.99
N PHE A 98 52.02 -5.14 -12.53
CA PHE A 98 51.59 -6.24 -13.43
C PHE A 98 50.51 -5.74 -14.38
N LEU A 99 49.88 -4.61 -14.06
CA LEU A 99 48.76 -4.11 -14.89
C LEU A 99 49.21 -3.01 -15.84
N GLU A 100 48.49 -2.84 -16.94
CA GLU A 100 48.76 -1.73 -17.87
C GLU A 100 48.36 -0.44 -17.17
N GLN A 101 49.14 0.63 -17.36
CA GLN A 101 48.81 1.94 -16.74
C GLN A 101 48.25 2.88 -17.81
N LEU A 102 47.02 3.33 -17.63
CA LEU A 102 46.34 4.14 -18.68
C LEU A 102 46.23 5.60 -18.27
N GLY A 103 46.96 6.02 -17.24
CA GLY A 103 46.99 7.43 -16.85
C GLY A 103 45.88 7.85 -15.92
N GLU A 104 45.42 9.09 -16.06
CA GLU A 104 44.34 9.61 -15.20
C GLU A 104 43.17 10.00 -16.08
N TYR A 105 41.96 9.87 -15.54
CA TYR A 105 40.74 10.16 -16.33
C TYR A 105 40.11 11.43 -15.78
N PRO A 106 39.68 12.40 -16.62
CA PRO A 106 39.01 13.58 -16.07
C PRO A 106 37.61 13.23 -15.55
N VAL A 107 37.16 13.97 -14.54
CA VAL A 107 35.80 13.77 -14.00
C VAL A 107 34.79 14.06 -15.11
N CYS A 108 33.76 13.24 -15.22
CA CYS A 108 32.69 13.44 -16.23
C CYS A 108 32.03 14.80 -16.09
N GLY A 109 31.86 15.52 -17.19
CA GLY A 109 31.23 16.86 -17.16
C GLY A 109 29.81 16.84 -17.68
N ILE A 110 29.26 15.65 -17.92
CA ILE A 110 27.85 15.53 -18.40
C ILE A 110 26.93 16.08 -17.32
N LEU A 111 25.95 16.87 -17.73
CA LEU A 111 25.04 17.48 -16.75
C LEU A 111 23.63 16.98 -16.97
N HIS A 112 22.91 16.63 -15.92
CA HIS A 112 21.48 16.26 -16.05
C HIS A 112 20.70 17.34 -15.30
N GLY A 113 20.20 18.32 -16.05
CA GLY A 113 19.49 19.44 -15.43
C GLY A 113 20.38 20.22 -14.51
N ASP A 114 19.99 20.33 -13.24
CA ASP A 114 20.71 21.19 -12.28
C ASP A 114 21.92 20.49 -11.65
N HIS A 115 22.15 19.22 -11.98
CA HIS A 115 23.23 18.51 -11.26
C HIS A 115 24.16 17.77 -12.21
N PRO A 116 25.49 17.69 -11.92
CA PRO A 116 26.35 16.85 -12.73
C PRO A 116 26.08 15.37 -12.38
N VAL A 117 26.12 14.50 -13.39
CA VAL A 117 25.95 13.02 -13.17
C VAL A 117 27.05 12.58 -12.22
N HIS A 118 28.23 13.16 -12.33
CA HIS A 118 29.30 12.90 -11.34
C HIS A 118 29.16 13.95 -10.26
N PRO A 119 28.75 13.63 -8.99
CA PRO A 119 28.53 14.68 -7.99
C PRO A 119 29.78 15.47 -7.61
N SER A 120 29.58 16.77 -7.36
CA SER A 120 30.70 17.67 -6.99
C SER A 120 31.19 17.29 -5.60
N GLY A 121 32.50 17.35 -5.40
CA GLY A 121 33.08 17.05 -4.08
C GLY A 121 33.26 15.57 -3.83
N THR A 122 32.94 14.72 -4.80
CA THR A 122 33.03 13.27 -4.58
C THR A 122 33.89 12.63 -5.68
N HIS A 123 34.76 11.69 -5.31
CA HIS A 123 35.57 10.95 -6.30
C HIS A 123 36.27 11.93 -7.25
N ASN A 124 36.79 13.03 -6.71
CA ASN A 124 37.42 14.09 -7.54
C ASN A 124 38.69 14.60 -6.90
N ASN A 125 39.84 14.36 -7.51
CA ASN A 125 41.12 14.92 -7.02
C ASN A 125 41.67 15.81 -8.14
N ASN A 126 41.56 17.13 -7.96
CA ASN A 126 42.07 18.13 -8.96
C ASN A 126 41.50 17.82 -10.35
N GLY A 127 40.19 17.57 -10.42
CA GLY A 127 39.53 17.29 -11.71
C GLY A 127 39.71 15.87 -12.18
N LYS A 128 40.37 15.02 -11.39
CA LYS A 128 40.64 13.63 -11.86
C LYS A 128 39.83 12.64 -11.03
N VAL A 129 39.28 11.61 -11.68
CA VAL A 129 38.48 10.57 -10.97
C VAL A 129 39.37 9.87 -9.95
N SER A 130 38.90 9.78 -8.72
CA SER A 130 39.67 9.10 -7.66
C SER A 130 38.77 8.15 -6.85
N VAL A 131 39.36 7.12 -6.24
CA VAL A 131 38.60 6.23 -5.32
C VAL A 131 39.50 5.94 -4.12
N LYS A 132 38.90 5.57 -3.00
CA LYS A 132 39.72 5.15 -1.84
C LYS A 132 39.26 3.78 -1.35
N ARG A 133 40.16 2.80 -1.37
CA ARG A 133 39.83 1.46 -0.85
C ARG A 133 39.67 1.54 0.66
N GLN A 134 38.70 0.80 1.19
CA GLN A 134 38.45 0.78 2.64
C GLN A 134 38.86 -0.58 3.18
N PHE A 135 39.80 -0.59 4.14
CA PHE A 135 40.24 -1.85 4.78
C PHE A 135 40.06 -1.66 6.28
N ALA A 136 38.82 -1.67 6.76
CA ALA A 136 38.56 -1.33 8.18
C ALA A 136 38.62 -2.52 9.13
N ALA A 137 39.13 -2.28 10.34
CA ALA A 137 39.21 -3.36 11.35
C ALA A 137 37.94 -3.35 12.19
N GLY A 138 37.68 -4.46 12.89
CA GLY A 138 36.49 -4.54 13.75
C GLY A 138 35.25 -4.90 12.96
N VAL A 139 34.17 -5.24 13.66
CA VAL A 139 32.93 -5.69 12.97
C VAL A 139 31.77 -5.63 13.96
N SER A 142 29.82 -8.68 19.59
CA SER A 142 28.68 -8.93 18.67
C SER A 142 27.56 -9.70 19.37
N ASP A 143 26.33 -9.45 18.97
CA ASP A 143 25.16 -10.11 19.58
C ASP A 143 25.22 -11.62 19.33
N ALA A 144 25.62 -12.04 18.13
CA ALA A 144 25.62 -13.47 17.79
C ALA A 144 26.62 -14.25 18.63
N LEU A 145 27.83 -13.72 18.78
CA LEU A 145 28.89 -14.40 19.57
C LEU A 145 28.43 -14.50 21.03
N THR A 146 27.77 -13.47 21.53
CA THR A 146 27.25 -13.48 22.92
C THR A 146 26.27 -14.64 23.07
N CYS A 147 25.37 -14.81 22.10
CA CYS A 147 24.38 -15.92 22.13
C CYS A 147 25.11 -17.27 22.11
N ALA A 148 26.18 -17.37 21.33
CA ALA A 148 26.89 -18.67 21.22
C ALA A 148 27.52 -19.02 22.55
N PHE A 149 28.20 -18.08 23.19
CA PHE A 149 28.85 -18.31 24.51
C PHE A 149 27.78 -18.61 25.56
N ARG A 150 26.61 -17.97 25.45
CA ARG A 150 25.49 -18.20 26.38
C ARG A 150 24.99 -19.65 26.28
N PHE A 151 25.00 -20.25 25.09
CA PHE A 151 24.37 -21.59 24.93
C PHE A 151 25.33 -22.68 24.46
N GLU A 152 26.61 -22.39 24.28
CA GLU A 152 27.51 -23.46 23.76
C GLU A 152 28.80 -23.50 24.59
N ASP A 153 29.57 -24.57 24.42
CA ASP A 153 30.88 -24.70 25.12
C ASP A 153 31.78 -23.53 24.74
N SER A 154 32.34 -22.86 25.75
CA SER A 154 33.22 -21.69 25.50
C SER A 154 34.39 -22.06 24.57
N ASP A 155 35.00 -23.23 24.75
CA ASP A 155 36.22 -23.58 23.97
C ASP A 155 35.91 -23.71 22.48
N LEU A 156 34.87 -24.47 22.13
CA LEU A 156 34.46 -24.58 20.70
C LEU A 156 34.11 -23.18 20.17
N VAL A 157 33.37 -22.38 20.91
CA VAL A 157 32.94 -21.04 20.40
C VAL A 157 34.19 -20.21 20.13
N ARG A 158 35.11 -20.14 21.09
CA ARG A 158 36.35 -19.35 20.95
C ARG A 158 37.16 -19.84 19.75
N GLU A 159 37.37 -21.14 19.64
CA GLU A 159 38.13 -21.71 18.50
C GLU A 159 37.44 -21.29 17.20
N THR A 160 36.12 -21.46 17.12
CA THR A 160 35.34 -21.10 15.92
C THR A 160 35.49 -19.61 15.62
N ALA A 161 35.28 -18.75 16.60
CA ALA A 161 35.31 -17.30 16.31
C ALA A 161 36.70 -16.85 15.89
N LEU A 162 37.75 -17.49 16.41
CA LEU A 162 39.10 -17.01 16.08
C LEU A 162 39.53 -17.53 14.69
N LYS A 163 38.88 -18.56 14.16
CA LYS A 163 39.31 -19.14 12.87
C LYS A 163 38.77 -18.33 11.68
N THR A 164 37.54 -17.79 11.77
CA THR A 164 36.90 -17.11 10.62
C THR A 164 36.30 -15.77 11.04
N THR A 165 36.47 -14.73 10.22
CA THR A 165 35.88 -13.41 10.52
C THR A 165 35.27 -12.80 9.25
N TYR A 166 34.25 -11.98 9.41
CA TYR A 166 33.65 -11.24 8.26
C TYR A 166 34.42 -9.93 8.20
N THR A 167 35.28 -9.79 7.20
CA THR A 167 36.15 -8.59 7.15
C THR A 167 36.34 -8.06 5.74
N ASP A 168 36.75 -6.79 5.65
CA ASP A 168 37.08 -6.15 4.36
C ASP A 168 38.37 -6.74 3.79
N GLY A 169 39.09 -7.50 4.61
CA GLY A 169 40.32 -8.15 4.15
C GLY A 169 41.53 -7.26 4.33
N THR A 170 42.58 -7.52 3.55
CA THR A 170 43.85 -6.76 3.69
C THR A 170 44.33 -6.26 2.33
N TRP A 171 45.08 -5.15 2.32
CA TRP A 171 45.69 -4.64 1.07
C TRP A 171 46.57 -5.72 0.47
N ALA A 172 47.39 -6.37 1.29
CA ALA A 172 48.34 -7.38 0.79
C ALA A 172 47.58 -8.49 0.07
N GLY A 173 46.56 -9.04 0.72
CA GLY A 173 45.80 -10.15 0.12
C GLY A 173 45.08 -9.74 -1.13
N PHE A 174 44.55 -8.52 -1.15
CA PHE A 174 43.80 -7.98 -2.33
C PHE A 174 44.72 -7.99 -3.55
N VAL A 175 45.91 -7.40 -3.43
CA VAL A 175 46.85 -7.30 -4.57
C VAL A 175 47.33 -8.70 -4.98
N GLN A 176 47.57 -9.59 -4.03
CA GLN A 176 48.00 -10.96 -4.37
C GLN A 176 46.93 -11.61 -5.25
N ARG A 177 45.68 -11.52 -4.83
CA ARG A 177 44.59 -12.18 -5.58
C ARG A 177 44.37 -11.49 -6.92
N LEU A 178 44.50 -10.17 -6.97
CA LEU A 178 44.34 -9.42 -8.24
C LEU A 178 45.41 -9.89 -9.23
N LYS A 179 46.66 -9.99 -8.80
CA LYS A 179 47.76 -10.52 -9.66
C LYS A 179 47.39 -11.90 -10.19
N MET A 180 47.02 -12.82 -9.32
CA MET A 180 46.60 -14.18 -9.74
C MET A 180 45.48 -14.11 -10.78
N GLN A 181 44.46 -13.30 -10.55
CA GLN A 181 43.29 -13.19 -11.46
C GLN A 181 43.70 -12.56 -12.79
N THR A 182 44.64 -11.64 -12.82
CA THR A 182 44.97 -10.91 -14.06
C THR A 182 46.13 -11.53 -14.85
N THR A 183 47.06 -12.23 -14.21
CA THR A 183 48.30 -12.69 -14.90
C THR A 183 48.35 -14.20 -15.15
N ARG A 184 47.23 -14.89 -15.08
CA ARG A 184 47.27 -16.38 -15.22
C ARG A 184 47.28 -16.80 -16.69
N LYS A 185 48.14 -17.76 -17.02
CA LYS A 185 48.18 -18.30 -18.39
C LYS A 185 46.93 -19.17 -18.59
N CYS A 186 46.19 -18.87 -19.64
CA CYS A 186 44.91 -19.58 -19.88
C CYS A 186 45.01 -20.44 -21.14
N VAL A 187 44.12 -21.42 -21.24
CA VAL A 187 44.05 -22.29 -22.43
C VAL A 187 42.72 -22.00 -23.12
N GLN A 188 42.76 -21.66 -24.40
CA GLN A 188 41.53 -21.36 -25.18
C GLN A 188 40.72 -22.64 -25.38
N GLU A 189 39.46 -22.59 -24.98
CA GLU A 189 38.61 -23.79 -25.08
C GLU A 189 38.21 -24.04 -26.52
N LYS A 190 37.89 -25.29 -26.83
CA LYS A 190 37.36 -25.62 -28.17
C LYS A 190 35.85 -25.62 -27.99
N VAL A 191 35.18 -24.58 -28.48
CA VAL A 191 33.73 -24.45 -28.19
C VAL A 191 32.94 -24.16 -29.45
N SER A 192 31.72 -24.68 -29.53
CA SER A 192 30.82 -24.37 -30.65
C SER A 192 29.44 -24.05 -30.08
N ARG A 193 28.57 -23.46 -30.89
CA ARG A 193 27.19 -23.25 -30.44
C ARG A 193 26.58 -24.62 -30.17
N LYS A 194 27.01 -25.65 -30.89
CA LYS A 194 26.45 -27.00 -30.74
C LYS A 194 26.84 -27.63 -29.40
N LEU A 195 28.09 -27.47 -28.98
CA LEU A 195 28.50 -27.98 -27.64
C LEU A 195 27.68 -27.24 -26.59
N LEU A 196 27.55 -25.92 -26.73
CA LEU A 196 26.85 -25.10 -25.73
C LEU A 196 25.36 -25.45 -25.72
N LYS A 197 24.78 -25.79 -26.86
CA LYS A 197 23.36 -26.23 -26.83
C LYS A 197 23.24 -27.55 -26.07
N GLN A 198 24.21 -28.45 -26.20
CA GLN A 198 24.14 -29.74 -25.49
C GLN A 198 24.41 -29.54 -24.00
N LEU A 199 25.47 -28.82 -23.63
CA LEU A 199 25.85 -28.69 -22.20
C LEU A 199 24.95 -27.68 -21.47
N PHE A 200 24.41 -26.70 -22.17
CA PHE A 200 23.56 -25.66 -21.55
C PHE A 200 22.28 -25.47 -22.38
N PRO A 201 21.36 -26.47 -22.49
CA PRO A 201 20.09 -26.26 -23.18
C PRO A 201 19.18 -25.18 -22.56
N TYR A 202 18.34 -24.57 -23.38
CA TYR A 202 17.44 -23.50 -22.88
C TYR A 202 16.06 -23.66 -23.54
N ASP A 203 15.05 -22.97 -23.01
CA ASP A 203 13.71 -22.96 -23.63
C ASP A 203 13.63 -21.66 -24.43
N PRO A 204 13.59 -21.69 -25.78
CA PRO A 204 13.62 -20.45 -26.55
C PRO A 204 12.40 -19.54 -26.31
N GLN A 205 11.25 -20.13 -25.98
CA GLN A 205 10.00 -19.31 -25.83
C GLN A 205 10.04 -18.53 -24.51
N LYS A 206 10.82 -18.98 -23.52
CA LYS A 206 10.95 -18.26 -22.22
C LYS A 206 11.89 -17.07 -22.36
N LEU A 207 12.45 -16.84 -23.55
CA LEU A 207 13.34 -15.68 -23.78
C LEU A 207 12.51 -14.41 -23.93
N VAL A 208 12.93 -13.34 -23.28
CA VAL A 208 12.21 -12.05 -23.34
C VAL A 208 12.32 -11.53 -24.76
N ASP A 209 11.29 -10.87 -25.25
CA ASP A 209 11.27 -10.29 -26.61
C ASP A 209 12.18 -9.07 -26.66
N VAL A 210 13.41 -9.25 -27.12
CA VAL A 210 14.40 -8.13 -27.18
C VAL A 210 14.11 -7.24 -28.38
N SER A 211 13.16 -7.62 -29.23
CA SER A 211 12.76 -6.76 -30.39
C SER A 211 11.92 -5.59 -29.86
N GLY A 212 11.56 -5.63 -28.58
CA GLY A 212 10.74 -4.55 -28.00
C GLY A 212 11.49 -3.24 -27.85
N GLU A 213 10.81 -2.21 -27.38
CA GLU A 213 11.47 -0.91 -27.15
C GLU A 213 12.50 -1.04 -26.02
N LEU A 214 13.63 -0.34 -26.14
CA LEU A 214 14.74 -0.51 -25.16
C LEU A 214 14.35 -0.07 -23.75
N SER A 215 13.72 1.10 -23.61
CA SER A 215 13.37 1.61 -22.27
C SER A 215 12.59 0.53 -21.51
N GLU A 216 11.59 -0.06 -22.16
CA GLU A 216 10.76 -1.09 -21.48
C GLU A 216 11.63 -2.27 -21.07
N LEU A 217 12.52 -2.72 -21.96
CA LEU A 217 13.36 -3.90 -21.65
C LEU A 217 14.24 -3.57 -20.44
N VAL A 218 14.84 -2.40 -20.41
CA VAL A 218 15.77 -2.01 -19.32
C VAL A 218 14.97 -1.86 -18.00
N LEU A 219 13.74 -1.36 -18.05
CA LEU A 219 12.91 -1.21 -16.84
C LEU A 219 12.49 -2.59 -16.32
N GLY A 220 12.54 -3.61 -17.17
CA GLY A 220 12.18 -4.98 -16.73
C GLY A 220 13.28 -5.65 -15.94
N ILE A 221 14.49 -5.13 -16.00
CA ILE A 221 15.62 -5.84 -15.33
C ILE A 221 15.53 -5.65 -13.82
N LYS A 222 16.11 -6.60 -13.09
CA LYS A 222 16.14 -6.54 -11.61
C LYS A 222 17.55 -6.14 -11.16
N THR A 223 17.67 -5.44 -10.04
CA THR A 223 19.00 -5.00 -9.57
C THR A 223 19.01 -4.75 -8.06
N ASN A 224 20.22 -4.70 -7.48
CA ASN A 224 20.35 -4.36 -6.06
C ASN A 224 20.27 -2.84 -5.97
N ALA A 225 19.25 -2.35 -5.30
CA ALA A 225 19.02 -0.89 -5.24
C ALA A 225 20.15 -0.18 -4.48
N ILE A 226 20.75 -0.83 -3.49
CA ILE A 226 21.79 -0.17 -2.66
C ILE A 226 23.19 -0.46 -3.22
N ALA A 227 23.29 -1.23 -4.31
CA ALA A 227 24.61 -1.46 -4.93
C ALA A 227 25.09 -0.19 -5.63
N SER A 228 26.39 -0.06 -5.78
CA SER A 228 26.96 1.11 -6.49
C SER A 228 26.56 1.10 -7.96
N ALA A 229 26.17 2.26 -8.47
CA ALA A 229 25.88 2.39 -9.91
C ALA A 229 27.21 2.53 -10.65
N GLY A 230 28.29 2.68 -9.90
CA GLY A 230 29.62 2.78 -10.49
C GLY A 230 29.90 4.13 -11.12
N PRO A 231 31.03 4.30 -11.87
CA PRO A 231 31.28 5.54 -12.59
C PRO A 231 30.25 5.77 -13.72
N PRO A 232 29.83 7.04 -13.97
CA PRO A 232 30.26 8.19 -13.16
C PRO A 232 29.30 8.64 -12.06
N TYR A 233 28.28 7.85 -11.78
CA TYR A 233 27.23 8.24 -10.82
C TYR A 233 27.79 8.36 -9.41
N TRP A 234 28.66 7.45 -9.00
CA TRP A 234 29.27 7.44 -7.65
C TRP A 234 28.19 7.49 -6.56
N ARG A 235 27.08 6.82 -6.81
CA ARG A 235 26.04 6.71 -5.77
C ARG A 235 25.26 5.40 -5.98
N THR A 236 24.30 5.15 -5.11
CA THR A 236 23.48 3.92 -5.19
C THR A 236 22.75 3.87 -6.54
N LYS A 237 22.38 2.69 -6.95
CA LYS A 237 21.59 2.54 -8.18
C LYS A 237 20.23 3.24 -8.01
N ARG A 238 19.66 3.22 -6.80
CA ARG A 238 18.39 3.92 -6.53
C ARG A 238 18.54 5.41 -6.82
N ASP A 239 19.59 6.04 -6.31
CA ASP A 239 19.77 7.49 -6.50
C ASP A 239 20.13 7.78 -7.96
N ALA A 240 20.89 6.91 -8.62
CA ALA A 240 21.38 7.22 -9.98
C ALA A 240 20.45 6.78 -11.09
N LEU A 241 19.36 6.08 -10.79
CA LEU A 241 18.46 5.55 -11.85
C LEU A 241 17.99 6.64 -12.81
N PRO A 242 17.46 7.83 -12.39
CA PRO A 242 17.07 8.86 -13.36
C PRO A 242 18.21 9.38 -14.24
N ASP A 243 19.38 9.63 -13.66
CA ASP A 243 20.54 10.06 -14.48
C ASP A 243 20.88 8.98 -15.51
N MET A 244 20.79 7.71 -15.15
CA MET A 244 21.05 6.64 -16.14
C MET A 244 19.98 6.66 -17.22
N LEU A 245 18.72 6.50 -16.88
CA LEU A 245 17.65 6.38 -17.89
C LEU A 245 17.52 7.68 -18.70
N ASP A 246 17.43 8.81 -18.03
CA ASP A 246 17.15 10.07 -18.78
C ASP A 246 18.38 10.62 -19.49
N CYS A 247 19.58 10.57 -18.89
CA CYS A 247 20.74 11.22 -19.54
C CYS A 247 21.70 10.23 -20.23
N VAL A 248 22.29 9.26 -19.53
CA VAL A 248 23.37 8.44 -20.13
C VAL A 248 22.87 7.35 -21.09
N LEU A 249 21.82 6.61 -20.74
CA LEU A 249 21.39 5.50 -21.63
C LEU A 249 21.08 6.02 -23.04
N PRO A 250 20.34 7.15 -23.28
CA PRO A 250 20.12 7.60 -24.65
C PRO A 250 21.42 8.05 -25.33
N LEU A 251 22.36 8.66 -24.59
CA LEU A 251 23.66 8.98 -25.22
C LEU A 251 24.31 7.69 -25.70
N LEU A 252 24.39 6.68 -24.85
CA LEU A 252 25.03 5.39 -25.21
C LEU A 252 24.33 4.80 -26.42
N TYR A 253 23.00 4.77 -26.41
CA TYR A 253 22.23 4.15 -27.52
C TYR A 253 22.56 4.83 -28.84
N ASP A 254 22.59 6.15 -28.83
CA ASP A 254 22.80 6.92 -30.09
C ASP A 254 24.18 6.57 -30.66
N HIS A 255 25.19 6.49 -29.81
CA HIS A 255 26.55 6.13 -30.29
C HIS A 255 26.59 4.66 -30.77
N ILE A 256 25.87 3.75 -30.14
CA ILE A 256 25.84 2.34 -30.57
C ILE A 256 25.32 2.28 -32.01
N VAL A 257 24.20 2.94 -32.30
CA VAL A 257 23.57 2.81 -33.65
C VAL A 257 24.35 3.60 -34.70
N ARG A 258 25.17 4.56 -34.29
CA ARG A 258 26.01 5.33 -35.24
C ARG A 258 27.42 4.74 -35.31
N LYS A 259 27.69 3.64 -34.61
CA LYS A 259 29.04 3.01 -34.53
C LYS A 259 30.05 4.04 -34.02
N ASP A 260 29.62 4.96 -33.17
CA ASP A 260 30.51 6.07 -32.72
C ASP A 260 30.90 5.92 -31.24
N LEU A 261 30.95 4.68 -30.74
CA LEU A 261 31.28 4.44 -29.31
C LEU A 261 32.72 4.85 -29.02
N THR A 262 33.62 4.75 -30.00
CA THR A 262 35.03 5.18 -29.78
C THR A 262 35.04 6.68 -29.49
N THR A 263 34.21 7.44 -30.20
CA THR A 263 34.13 8.90 -29.96
C THR A 263 33.63 9.16 -28.54
N LEU A 264 32.58 8.44 -28.11
CA LEU A 264 32.03 8.62 -26.74
C LEU A 264 33.09 8.31 -25.70
N ARG A 265 33.83 7.23 -25.88
CA ARG A 265 34.88 6.86 -24.91
C ARG A 265 35.89 8.00 -24.81
N ASN A 266 36.32 8.55 -25.94
CA ASN A 266 37.38 9.59 -25.89
C ASN A 266 36.84 10.85 -25.20
N LYS A 267 35.63 11.28 -25.55
CA LYS A 267 35.07 12.53 -24.99
C LYS A 267 34.68 12.29 -23.53
N HIS A 268 34.11 11.12 -23.22
CA HIS A 268 33.63 10.83 -21.85
C HIS A 268 34.18 9.47 -21.38
N PRO A 269 35.45 9.34 -20.91
CA PRO A 269 36.02 8.03 -20.54
C PRO A 269 35.44 7.35 -19.29
N GLU A 270 34.93 8.14 -18.34
CA GLU A 270 34.34 7.59 -17.09
C GLU A 270 33.08 6.78 -17.39
N LEU A 271 32.47 6.97 -18.56
CA LEU A 271 31.28 6.17 -18.93
C LEU A 271 31.67 4.71 -19.13
N PHE A 272 32.96 4.42 -19.32
CA PHE A 272 33.42 3.04 -19.60
C PHE A 272 34.49 2.67 -18.57
N LEU A 273 34.44 3.28 -17.39
CA LEU A 273 35.43 3.00 -16.32
C LEU A 273 34.81 2.08 -15.27
N ALA A 274 35.61 1.19 -14.69
CA ALA A 274 35.13 0.33 -13.59
C ALA A 274 35.92 0.63 -12.32
N GLU A 275 35.51 0.04 -11.20
CA GLU A 275 36.24 0.21 -9.93
C GLU A 275 36.57 -1.17 -9.39
N CYS A 276 37.85 -1.47 -9.18
CA CYS A 276 38.23 -2.75 -8.55
C CYS A 276 38.11 -2.58 -7.04
N LYS A 277 37.29 -3.42 -6.43
CA LYS A 277 37.02 -3.27 -4.97
C LYS A 277 37.35 -4.55 -4.20
N ASN A 278 37.75 -4.40 -2.95
CA ASN A 278 37.99 -5.55 -2.07
C ASN A 278 36.63 -6.08 -1.58
N LYS A 279 36.42 -7.39 -1.70
CA LYS A 279 35.14 -8.00 -1.27
C LYS A 279 35.12 -8.27 0.22
N THR A 280 34.18 -7.66 0.94
CA THR A 280 33.99 -8.00 2.37
C THR A 280 33.40 -9.41 2.39
N ASP A 281 34.07 -10.36 3.02
CA ASP A 281 33.58 -11.76 3.01
C ASP A 281 34.02 -12.47 4.28
N ARG A 282 33.54 -13.70 4.47
CA ARG A 282 34.01 -14.51 5.61
C ARG A 282 35.38 -15.04 5.22
N TYR A 283 36.42 -14.62 5.93
CA TYR A 283 37.79 -15.00 5.54
C TYR A 283 38.49 -15.70 6.71
N GLU A 284 39.31 -16.68 6.39
CA GLU A 284 40.14 -17.34 7.44
C GLU A 284 41.18 -16.35 7.95
N VAL A 285 41.29 -16.20 9.26
CA VAL A 285 42.23 -15.21 9.86
C VAL A 285 43.68 -15.58 9.53
N GLU A 286 43.98 -16.87 9.43
CA GLU A 286 45.35 -17.33 9.06
C GLU A 286 45.75 -16.83 7.68
N SER A 287 44.83 -16.84 6.70
CA SER A 287 45.18 -16.49 5.31
C SER A 287 44.82 -15.05 4.93
N LEU A 288 44.51 -14.18 5.88
CA LEU A 288 44.03 -12.81 5.55
C LEU A 288 45.08 -12.03 4.75
N GLY A 289 46.36 -12.23 5.02
CA GLY A 289 47.41 -11.45 4.32
C GLY A 289 47.63 -11.93 2.90
N GLU A 290 47.21 -13.14 2.58
CA GLU A 290 47.44 -13.69 1.22
C GLU A 290 46.13 -13.67 0.43
N LYS A 291 44.97 -13.64 1.09
CA LYS A 291 43.72 -13.80 0.32
C LYS A 291 42.62 -12.79 0.64
N THR A 292 42.39 -11.84 -0.27
CA THR A 292 41.24 -10.90 -0.17
C THR A 292 40.69 -10.84 -1.60
N ARG A 293 39.47 -11.33 -1.82
CA ARG A 293 38.93 -11.45 -3.20
C ARG A 293 38.66 -10.11 -3.88
N PRO A 294 39.10 -9.90 -5.17
CA PRO A 294 38.77 -8.69 -5.91
C PRO A 294 37.55 -8.81 -6.85
N TYR A 295 36.80 -7.73 -6.98
CA TYR A 295 35.66 -7.72 -7.92
C TYR A 295 35.61 -6.37 -8.64
N PHE A 296 34.86 -6.32 -9.73
CA PHE A 296 34.81 -5.09 -10.54
C PHE A 296 33.39 -4.55 -10.55
N SER A 297 33.28 -3.25 -10.26
CA SER A 297 31.97 -2.55 -10.26
C SER A 297 31.84 -1.74 -11.54
N HIS A 298 30.99 -2.18 -12.46
CA HIS A 298 30.87 -1.55 -13.78
C HIS A 298 29.85 -0.41 -13.80
N PRO A 299 29.85 0.49 -14.82
CA PRO A 299 28.80 1.49 -14.91
C PRO A 299 27.38 0.91 -15.02
N PHE A 300 26.43 1.57 -14.38
CA PHE A 300 25.01 1.12 -14.38
C PHE A 300 24.47 1.02 -15.81
N HIS A 301 24.74 2.02 -16.64
CA HIS A 301 24.17 2.01 -18.01
C HIS A 301 24.62 0.77 -18.78
N LEU A 302 25.90 0.43 -18.70
CA LEU A 302 26.43 -0.76 -19.42
C LEU A 302 25.87 -2.02 -18.77
N SER A 303 25.89 -2.09 -17.45
CA SER A 303 25.37 -3.29 -16.73
C SER A 303 23.90 -3.52 -17.06
N ALA A 304 23.08 -2.48 -17.05
CA ALA A 304 21.63 -2.63 -17.26
C ALA A 304 21.34 -3.14 -18.67
N LEU A 305 22.03 -2.60 -19.67
CA LEU A 305 21.82 -3.02 -21.07
C LEU A 305 22.09 -4.51 -21.21
N VAL A 306 23.21 -4.97 -20.70
CA VAL A 306 23.61 -6.40 -20.86
C VAL A 306 22.71 -7.27 -19.99
N SER A 307 22.26 -6.75 -18.85
CA SER A 307 21.35 -7.49 -17.96
C SER A 307 20.05 -7.87 -18.68
N VAL A 308 19.63 -7.10 -19.68
CA VAL A 308 18.44 -7.52 -20.49
C VAL A 308 18.71 -8.93 -21.04
N LEU A 309 19.83 -9.12 -21.73
CA LEU A 309 20.15 -10.43 -22.32
C LEU A 309 20.43 -11.47 -21.22
N SER A 310 21.28 -11.14 -20.25
CA SER A 310 21.68 -12.16 -19.26
C SER A 310 20.48 -12.64 -18.42
N GLN A 311 19.66 -11.73 -17.94
CA GLN A 311 18.54 -12.13 -17.06
C GLN A 311 17.52 -12.94 -17.87
N SER A 312 17.27 -12.55 -19.12
CA SER A 312 16.35 -13.32 -19.99
C SER A 312 16.89 -14.74 -20.20
N PHE A 313 18.19 -14.86 -20.48
CA PHE A 313 18.77 -16.20 -20.75
C PHE A 313 18.71 -17.05 -19.49
N SER A 314 19.03 -16.46 -18.34
CA SER A 314 19.02 -17.22 -17.06
C SER A 314 17.61 -17.75 -16.80
N GLY A 315 16.58 -16.99 -17.18
CA GLY A 315 15.21 -17.51 -17.04
C GLY A 315 14.99 -18.73 -17.90
N ALA A 316 15.51 -18.74 -19.12
CA ALA A 316 15.26 -19.85 -20.07
C ALA A 316 16.16 -21.04 -19.81
N LEU A 317 17.29 -20.85 -19.14
CA LEU A 317 18.26 -21.96 -18.94
C LEU A 317 17.60 -23.15 -18.25
N LYS A 318 18.02 -24.35 -18.63
CA LYS A 318 17.51 -25.56 -17.97
C LYS A 318 18.59 -26.06 -17.02
N ILE A 319 18.23 -26.96 -16.12
CA ILE A 319 19.24 -27.52 -15.19
C ILE A 319 19.42 -29.01 -15.48
N MET A 320 20.41 -29.63 -14.87
CA MET A 320 20.73 -31.05 -15.09
C MET A 320 19.51 -31.93 -14.79
N THR A 321 18.69 -31.56 -13.82
CA THR A 321 17.55 -32.41 -13.43
C THR A 321 16.50 -32.36 -14.54
N GLU A 322 16.43 -31.26 -15.29
CA GLU A 322 15.40 -31.11 -16.34
C GLU A 322 15.86 -31.76 -17.65
N ASP A 323 17.13 -31.61 -18.03
CA ASP A 323 17.67 -32.18 -19.28
C ASP A 323 18.88 -33.05 -18.97
N SER A 324 18.89 -34.30 -19.43
CA SER A 324 20.00 -35.23 -19.15
C SER A 324 21.31 -34.75 -19.78
N THR A 325 21.23 -33.99 -20.87
CA THR A 325 22.45 -33.44 -21.54
C THR A 325 23.06 -32.28 -20.75
N SER A 326 22.29 -31.63 -19.87
CA SER A 326 22.77 -30.40 -19.19
C SER A 326 23.85 -30.65 -18.15
N PHE A 327 24.89 -29.81 -18.16
CA PHE A 327 25.94 -29.85 -17.12
C PHE A 327 25.72 -28.64 -16.22
N ASN A 328 24.52 -28.06 -16.25
CA ASN A 328 24.28 -26.77 -15.55
C ASN A 328 23.51 -26.91 -14.24
N ALA A 329 24.15 -26.58 -13.12
CA ALA A 329 23.43 -26.56 -11.82
C ALA A 329 23.12 -25.12 -11.44
N TYR A 330 23.34 -24.17 -12.35
CA TYR A 330 22.94 -22.75 -12.10
C TYR A 330 21.42 -22.72 -12.21
N GLY A 331 20.71 -22.51 -11.11
CA GLY A 331 19.23 -22.58 -11.14
C GLY A 331 18.69 -23.69 -10.28
N PHE A 332 19.56 -24.54 -9.74
CA PHE A 332 19.13 -25.68 -8.89
C PHE A 332 18.61 -25.20 -7.54
N SER A 333 17.56 -25.86 -7.06
CA SER A 333 17.03 -25.56 -5.71
C SER A 333 17.06 -26.84 -4.89
N TRP A 334 17.57 -26.79 -3.65
CA TRP A 334 17.49 -27.97 -2.76
C TRP A 334 16.04 -28.21 -2.33
N THR A 335 15.17 -27.21 -2.42
CA THR A 335 13.79 -27.34 -1.90
C THR A 335 12.82 -27.96 -2.92
N ASN A 336 11.62 -28.32 -2.46
CA ASN A 336 10.55 -28.89 -3.35
C ASN A 336 11.08 -30.11 -4.11
N GLY A 337 11.76 -31.01 -3.42
CA GLY A 337 12.23 -32.26 -4.05
C GLY A 337 13.57 -32.14 -4.73
N GLY A 338 14.16 -30.95 -4.74
CA GLY A 338 15.44 -30.74 -5.45
C GLY A 338 16.56 -31.59 -4.92
N ALA A 339 16.65 -31.74 -3.61
CA ALA A 339 17.70 -32.57 -3.02
C ALA A 339 17.58 -34.00 -3.55
N GLU A 340 16.36 -34.54 -3.63
CA GLU A 340 16.13 -35.92 -4.10
C GLU A 340 16.34 -35.96 -5.62
N ASP A 341 15.94 -34.91 -6.30
CA ASP A 341 16.15 -34.82 -7.76
C ASP A 341 17.63 -35.01 -8.06
N LEU A 342 18.51 -34.50 -7.20
CA LEU A 342 19.97 -34.64 -7.40
C LEU A 342 20.34 -36.12 -7.26
N ALA A 343 19.77 -36.81 -6.27
CA ALA A 343 20.07 -38.23 -6.04
C ALA A 343 19.60 -39.07 -7.24
N ILE A 344 18.37 -38.85 -7.68
CA ILE A 344 17.82 -39.60 -8.85
C ILE A 344 18.73 -39.35 -10.05
N TRP A 345 19.02 -38.08 -10.34
CA TRP A 345 19.90 -37.70 -11.47
C TRP A 345 21.25 -38.40 -11.35
N ALA A 346 21.85 -38.38 -10.16
CA ALA A 346 23.21 -38.92 -9.96
C ALA A 346 23.26 -40.42 -10.22
N ARG A 347 22.25 -41.16 -9.77
CA ARG A 347 22.25 -42.64 -9.87
C ARG A 347 22.13 -43.08 -11.34
N GLN A 348 21.61 -42.20 -12.20
CA GLN A 348 21.52 -42.50 -13.65
C GLN A 348 22.93 -42.56 -14.25
N ALA A 349 23.95 -42.43 -13.40
CA ALA A 349 25.33 -42.41 -13.92
C ALA A 349 25.66 -43.76 -14.57
N GLY A 350 26.65 -43.75 -15.44
CA GLY A 350 27.06 -45.00 -16.11
C GLY A 350 28.48 -45.40 -15.79
N GLU A 351 28.87 -46.59 -16.24
CA GLU A 351 30.23 -47.11 -15.99
C GLU A 351 31.25 -46.24 -16.71
N ALA A 352 32.33 -45.92 -16.01
CA ALA A 352 33.42 -45.12 -16.60
C ALA A 352 34.03 -45.87 -17.78
N GLY A 353 34.22 -45.19 -18.91
CA GLY A 353 34.75 -45.87 -20.09
C GLY A 353 33.67 -46.23 -21.07
N LYS A 354 32.45 -46.50 -20.61
CA LYS A 354 31.44 -47.00 -21.57
C LYS A 354 30.19 -46.11 -21.60
N LYS A 355 29.74 -45.62 -20.44
CA LYS A 355 28.46 -44.87 -20.43
C LYS A 355 28.66 -43.49 -19.80
N PRO A 356 27.84 -42.45 -20.10
CA PRO A 356 28.10 -41.09 -19.60
C PRO A 356 28.03 -40.88 -18.08
N PRO A 357 29.03 -40.23 -17.42
CA PRO A 357 28.91 -39.91 -16.01
C PRO A 357 27.85 -38.83 -15.77
N ARG A 358 27.62 -38.46 -14.51
CA ARG A 358 26.66 -37.38 -14.23
C ARG A 358 27.42 -36.18 -13.66
N ILE A 359 27.51 -35.10 -14.45
CA ILE A 359 28.33 -33.94 -14.02
C ILE A 359 27.48 -32.66 -14.01
N ALA A 360 27.50 -31.94 -12.89
CA ALA A 360 26.78 -30.64 -12.80
C ALA A 360 27.71 -29.58 -12.24
N CYS A 361 27.68 -28.39 -12.84
CA CYS A 361 28.62 -27.33 -12.41
C CYS A 361 27.88 -26.04 -12.05
N TYR A 362 28.28 -25.40 -10.94
CA TYR A 362 27.76 -24.06 -10.58
C TYR A 362 29.01 -23.23 -10.32
N GLY A 363 29.37 -22.40 -11.28
CA GLY A 363 30.65 -21.67 -11.18
C GLY A 363 31.80 -22.63 -10.97
N ASP A 364 32.59 -22.43 -9.93
CA ASP A 364 33.75 -23.31 -9.65
C ASP A 364 33.31 -24.65 -9.03
N ASP A 365 32.11 -24.75 -8.49
CA ASP A 365 31.68 -25.97 -7.75
C ASP A 365 31.12 -27.02 -8.70
N THR A 366 31.56 -28.26 -8.55
CA THR A 366 31.13 -29.32 -9.48
C THR A 366 30.76 -30.59 -8.72
N ASP A 367 29.69 -31.25 -9.15
CA ASP A 367 29.33 -32.58 -8.58
C ASP A 367 29.50 -33.63 -9.67
N ILE A 368 30.40 -34.58 -9.46
CA ILE A 368 30.70 -35.62 -10.50
C ILE A 368 30.31 -37.01 -9.98
N TYR A 369 29.59 -37.77 -10.79
CA TYR A 369 29.25 -39.16 -10.41
C TYR A 369 29.71 -40.13 -11.51
N TYR A 370 30.56 -41.10 -11.16
CA TYR A 370 30.98 -42.14 -12.13
C TYR A 370 30.69 -43.51 -11.56
N ARG A 371 30.57 -44.52 -12.42
CA ARG A 371 30.39 -45.89 -11.88
C ARG A 371 31.66 -46.69 -12.16
N LYS A 372 32.34 -47.12 -11.11
CA LYS A 372 33.52 -47.99 -11.28
C LYS A 372 33.11 -49.38 -10.79
N ASP A 373 33.11 -50.36 -11.69
CA ASP A 373 32.69 -51.77 -11.36
C ASP A 373 31.20 -51.76 -11.00
N GLY A 374 30.42 -50.82 -11.53
CA GLY A 374 28.97 -50.78 -11.30
C GLY A 374 28.59 -50.13 -9.98
N LYS A 375 29.57 -49.62 -9.24
CA LYS A 375 29.30 -48.92 -7.97
C LYS A 375 29.35 -47.41 -8.21
N LEU A 376 28.32 -46.67 -7.77
CA LEU A 376 28.30 -45.19 -7.92
C LEU A 376 29.39 -44.56 -7.06
N TYR A 377 30.16 -43.66 -7.64
CA TYR A 377 31.22 -42.92 -6.90
C TYR A 377 31.00 -41.41 -7.11
N ARG A 378 31.47 -40.58 -6.18
CA ARG A 378 31.16 -39.14 -6.29
C ARG A 378 32.40 -38.27 -6.08
N ILE A 379 32.59 -37.31 -6.97
CA ILE A 379 33.68 -36.33 -6.78
C ILE A 379 33.01 -34.95 -6.71
N CYS A 380 33.45 -34.09 -5.81
CA CYS A 380 32.94 -32.72 -5.64
C CYS A 380 34.14 -31.78 -5.70
N PRO A 381 34.80 -31.53 -6.86
CA PRO A 381 35.96 -30.67 -6.87
C PRO A 381 35.68 -29.16 -7.03
N ASP A 382 36.63 -28.34 -6.61
CA ASP A 382 36.50 -26.87 -6.76
C ASP A 382 37.77 -26.30 -7.40
N PHE A 383 37.64 -25.34 -8.30
CA PHE A 383 38.85 -24.70 -8.86
C PHE A 383 39.29 -23.54 -7.95
N LYS A 384 40.53 -23.07 -8.13
CA LYS A 384 41.06 -21.97 -7.30
C LYS A 384 41.25 -20.71 -8.15
N GLN A 385 40.69 -19.56 -7.73
CA GLN A 385 40.72 -18.29 -8.50
C GLN A 385 40.36 -18.61 -9.94
N MET A 386 39.23 -19.28 -10.13
CA MET A 386 38.78 -19.74 -11.46
C MET A 386 38.64 -18.61 -12.47
N ASP A 387 38.27 -17.42 -12.02
CA ASP A 387 38.01 -16.28 -12.93
C ASP A 387 39.25 -15.96 -13.78
N GLY A 388 40.44 -16.04 -13.18
CA GLY A 388 41.69 -15.81 -13.93
C GLY A 388 41.87 -16.83 -15.03
N SER A 389 41.36 -18.04 -14.83
CA SER A 389 41.50 -19.13 -15.81
C SER A 389 40.49 -19.00 -16.95
N VAL A 390 39.54 -18.07 -16.88
CA VAL A 390 38.50 -18.03 -17.93
C VAL A 390 39.06 -17.39 -19.21
N ASP A 391 39.19 -18.18 -20.26
CA ASP A 391 39.81 -17.69 -21.53
C ASP A 391 38.87 -16.79 -22.32
N ALA A 392 39.44 -15.99 -23.21
CA ALA A 392 38.66 -15.04 -24.02
C ALA A 392 37.70 -15.77 -24.96
N THR A 393 38.10 -16.92 -25.50
CA THR A 393 37.26 -17.65 -26.47
C THR A 393 35.98 -18.11 -25.76
N THR A 394 36.08 -18.59 -24.53
CA THR A 394 34.89 -18.99 -23.74
C THR A 394 33.98 -17.78 -23.54
N ILE A 395 34.55 -16.65 -23.10
CA ILE A 395 33.75 -15.42 -22.85
C ILE A 395 33.05 -15.01 -24.15
N GLU A 396 33.79 -14.94 -25.26
CA GLU A 396 33.22 -14.56 -26.56
C GLU A 396 32.14 -15.56 -26.96
N ALA A 397 32.38 -16.84 -26.72
CA ALA A 397 31.42 -17.90 -27.13
C ALA A 397 30.13 -17.81 -26.31
N VAL A 398 30.24 -17.64 -25.01
CA VAL A 398 29.04 -17.50 -24.13
C VAL A 398 28.22 -16.29 -24.59
N VAL A 399 28.87 -15.16 -24.78
CA VAL A 399 28.17 -13.94 -25.25
C VAL A 399 27.47 -14.25 -26.57
N ASP A 400 28.18 -14.88 -27.51
CA ASP A 400 27.60 -15.21 -28.84
C ASP A 400 26.43 -16.18 -28.66
N TYR A 401 26.60 -17.21 -27.85
CA TYR A 401 25.51 -18.17 -27.58
C TYR A 401 24.27 -17.39 -27.10
N VAL A 402 24.44 -16.51 -26.11
CA VAL A 402 23.28 -15.77 -25.55
C VAL A 402 22.70 -14.83 -26.61
N VAL A 403 23.52 -14.03 -27.27
CA VAL A 403 23.01 -13.05 -28.27
C VAL A 403 22.28 -13.83 -29.37
N ASP A 404 22.89 -14.91 -29.87
CA ASP A 404 22.30 -15.71 -30.97
C ASP A 404 20.95 -16.29 -30.56
N ALA A 405 20.84 -16.83 -29.36
CA ALA A 405 19.54 -17.34 -28.86
C ALA A 405 18.47 -16.26 -29.06
N HIS A 406 18.74 -15.04 -28.64
CA HIS A 406 17.72 -13.97 -28.71
C HIS A 406 17.43 -13.61 -30.17
N VAL A 407 18.46 -13.42 -30.98
CA VAL A 407 18.26 -12.96 -32.38
C VAL A 407 17.66 -14.10 -33.23
N LYS A 408 17.84 -15.36 -32.86
CA LYS A 408 17.15 -16.41 -33.63
C LYS A 408 15.63 -16.29 -33.38
N GLN A 409 15.22 -16.14 -32.12
CA GLN A 409 13.78 -16.03 -31.80
C GLN A 409 13.24 -14.66 -32.22
N TYR A 410 14.06 -13.62 -32.11
CA TYR A 410 13.59 -12.24 -32.42
C TYR A 410 14.56 -11.61 -33.43
N PRO A 411 14.52 -11.97 -34.75
CA PRO A 411 15.56 -11.54 -35.71
C PRO A 411 15.60 -10.09 -36.17
N THR A 412 14.56 -9.33 -35.86
CA THR A 412 14.49 -7.94 -36.37
C THR A 412 15.45 -7.04 -35.56
N ALA A 413 15.96 -7.53 -34.43
CA ALA A 413 16.82 -6.69 -33.57
C ALA A 413 18.26 -7.21 -33.53
N ARG A 414 18.68 -7.98 -34.52
CA ARG A 414 20.01 -8.65 -34.51
C ARG A 414 21.18 -7.67 -34.38
N GLN A 415 21.23 -6.66 -35.22
CA GLN A 415 22.40 -5.76 -35.23
C GLN A 415 22.61 -5.09 -33.87
N PHE A 416 21.56 -4.57 -33.24
CA PHE A 416 21.72 -3.83 -31.97
C PHE A 416 22.34 -4.74 -30.92
N TRP A 417 21.77 -5.91 -30.71
CA TRP A 417 22.24 -6.80 -29.62
C TRP A 417 23.63 -7.36 -29.94
N GLU A 418 24.02 -7.41 -31.20
CA GLU A 418 25.39 -7.84 -31.54
C GLU A 418 26.35 -6.74 -31.10
N GLU A 419 25.96 -5.49 -31.25
CA GLU A 419 26.81 -4.37 -30.76
C GLU A 419 26.88 -4.40 -29.23
N VAL A 420 25.77 -4.74 -28.58
CA VAL A 420 25.74 -4.86 -27.10
C VAL A 420 26.64 -6.04 -26.71
N GLY A 421 26.65 -7.09 -27.51
CA GLY A 421 27.54 -8.24 -27.27
C GLY A 421 29.00 -7.82 -27.24
N LYS A 422 29.40 -6.92 -28.13
CA LYS A 422 30.80 -6.44 -28.18
C LYS A 422 31.11 -5.66 -26.90
N LEU A 423 30.19 -4.83 -26.42
CA LEU A 423 30.39 -4.10 -25.15
C LEU A 423 30.51 -5.10 -24.00
N TRP A 424 29.70 -6.16 -24.03
CA TRP A 424 29.73 -7.22 -22.99
C TRP A 424 31.12 -7.84 -22.91
N VAL A 425 31.68 -8.29 -24.05
CA VAL A 425 33.00 -8.96 -24.06
C VAL A 425 34.06 -7.98 -23.53
N GLU A 426 33.98 -6.72 -23.95
CA GLU A 426 34.95 -5.69 -23.49
C GLU A 426 34.86 -5.52 -21.97
N MET A 427 33.66 -5.46 -21.41
CA MET A 427 33.47 -5.27 -19.95
C MET A 427 34.02 -6.50 -19.22
N ALA A 428 33.81 -7.69 -19.78
CA ALA A 428 34.25 -8.93 -19.13
C ALA A 428 35.77 -9.10 -19.23
N THR A 429 36.44 -8.43 -20.15
CA THR A 429 37.88 -8.70 -20.37
C THR A 429 38.78 -7.47 -20.28
N GLN A 430 38.46 -6.37 -20.94
CA GLN A 430 39.41 -5.23 -21.03
C GLN A 430 38.86 -3.91 -20.48
N SER A 431 37.94 -3.95 -19.54
CA SER A 431 37.44 -2.69 -18.95
C SER A 431 38.54 -1.95 -18.21
N PRO A 432 38.80 -0.65 -18.49
CA PRO A 432 39.73 0.11 -17.68
C PRO A 432 39.14 0.26 -16.27
N PHE A 433 40.02 0.30 -15.27
CA PHE A 433 39.52 0.33 -13.88
C PHE A 433 40.38 1.17 -12.94
N LEU A 434 39.79 1.61 -11.84
CA LEU A 434 40.55 2.31 -10.78
C LEU A 434 40.65 1.36 -9.59
N ILE A 435 41.72 1.43 -8.82
CA ILE A 435 41.81 0.62 -7.58
C ILE A 435 41.81 1.62 -6.42
N ASP A 436 42.82 2.48 -6.36
CA ASP A 436 42.94 3.46 -5.25
C ASP A 436 43.62 4.71 -5.80
N GLY A 437 43.03 5.87 -5.59
CA GLY A 437 43.59 7.09 -6.17
C GLY A 437 43.16 7.32 -7.60
N THR A 438 43.96 8.04 -8.36
CA THR A 438 43.55 8.45 -9.72
C THR A 438 44.08 7.56 -10.82
N LYS A 439 44.99 6.64 -10.52
CA LYS A 439 45.60 5.84 -11.61
C LYS A 439 44.58 4.91 -12.23
N VAL A 440 44.45 4.94 -13.54
CA VAL A 440 43.54 4.02 -14.27
C VAL A 440 44.38 2.85 -14.73
N TYR A 441 43.85 1.64 -14.61
CA TYR A 441 44.61 0.43 -14.98
C TYR A 441 43.79 -0.44 -15.94
N ARG A 442 44.45 -1.39 -16.58
CA ARG A 442 43.75 -2.34 -17.48
C ARG A 442 44.49 -3.67 -17.42
N LYS A 443 43.76 -4.78 -17.50
CA LYS A 443 44.41 -6.10 -17.57
C LYS A 443 45.19 -6.15 -18.88
N MET A 444 46.46 -6.54 -18.80
CA MET A 444 47.33 -6.56 -20.00
C MET A 444 46.84 -7.60 -21.00
N GLN A 445 46.22 -8.67 -20.53
CA GLN A 445 45.75 -9.75 -21.43
C GLN A 445 44.20 -9.78 -21.48
N LYS A 446 43.64 -10.14 -22.63
CA LYS A 446 42.18 -10.27 -22.77
C LYS A 446 41.73 -11.43 -21.91
N ASP A 447 42.59 -12.44 -21.77
CA ASP A 447 42.25 -13.64 -20.98
C ASP A 447 42.00 -13.25 -19.53
N GLY A 448 41.14 -13.99 -18.84
CA GLY A 448 40.78 -13.62 -17.46
C GLY A 448 39.42 -12.94 -17.42
N LEU A 449 38.55 -13.42 -16.55
CA LEU A 449 37.20 -12.81 -16.38
C LEU A 449 37.29 -11.70 -15.35
N MET A 450 36.74 -10.54 -15.67
CA MET A 450 36.68 -9.43 -14.69
C MET A 450 35.44 -9.68 -13.85
N THR A 451 35.59 -10.38 -12.73
CA THR A 451 34.46 -10.73 -11.82
C THR A 451 33.64 -9.49 -11.52
N GLY A 452 32.32 -9.58 -11.58
CA GLY A 452 31.46 -8.42 -11.36
C GLY A 452 30.77 -8.00 -12.62
N VAL A 453 31.31 -8.40 -13.76
CA VAL A 453 30.60 -8.14 -15.03
C VAL A 453 29.27 -8.88 -14.98
N VAL A 454 28.27 -8.39 -15.69
CA VAL A 454 27.03 -9.17 -15.80
C VAL A 454 27.40 -10.50 -16.47
N GLY A 455 26.93 -11.61 -15.94
CA GLY A 455 27.21 -12.93 -16.53
C GLY A 455 28.38 -13.62 -15.88
N THR A 456 28.94 -13.08 -14.81
CA THR A 456 30.12 -13.67 -14.16
C THR A 456 29.90 -15.17 -13.88
N THR A 457 28.80 -15.53 -13.22
CA THR A 457 28.58 -16.94 -12.82
C THR A 457 28.40 -17.84 -14.06
N LEU A 458 27.69 -17.37 -15.09
CA LEU A 458 27.52 -18.17 -16.33
C LEU A 458 28.87 -18.41 -17.00
N PHE A 459 29.70 -17.37 -17.11
CA PHE A 459 31.05 -17.52 -17.72
C PHE A 459 31.83 -18.59 -16.96
N ASP A 460 31.82 -18.53 -15.63
CA ASP A 460 32.56 -19.51 -14.79
C ASP A 460 31.97 -20.91 -14.97
N THR A 461 30.65 -21.04 -14.89
CA THR A 461 29.97 -22.35 -15.04
C THR A 461 30.35 -22.97 -16.39
N VAL A 462 30.30 -22.19 -17.47
CA VAL A 462 30.57 -22.72 -18.83
C VAL A 462 32.03 -23.19 -18.93
N LYS A 463 32.98 -22.41 -18.43
CA LYS A 463 34.40 -22.83 -18.45
C LYS A 463 34.57 -24.16 -17.71
N SER A 464 33.96 -24.29 -16.54
CA SER A 464 34.05 -25.54 -15.75
C SER A 464 33.45 -26.68 -16.58
N ALA A 465 32.26 -26.47 -17.12
CA ALA A 465 31.55 -27.52 -17.87
C ALA A 465 32.35 -27.97 -19.10
N LEU A 466 32.97 -27.03 -19.83
CA LEU A 466 33.75 -27.38 -21.03
C LEU A 466 34.92 -28.27 -20.61
N ALA A 467 35.59 -27.94 -19.52
CA ALA A 467 36.74 -28.74 -19.06
C ALA A 467 36.27 -30.14 -18.64
N TYR A 468 35.14 -30.25 -17.94
CA TYR A 468 34.67 -31.57 -17.44
C TYR A 468 34.05 -32.37 -18.59
N ASN A 469 33.49 -31.73 -19.60
CA ASN A 469 32.97 -32.45 -20.79
C ASN A 469 34.17 -33.11 -21.47
N ASP A 470 35.25 -32.36 -21.60
CA ASP A 470 36.48 -32.90 -22.23
C ASP A 470 37.08 -34.01 -21.36
N TRP A 471 37.07 -33.86 -20.05
CA TRP A 471 37.56 -34.92 -19.13
C TRP A 471 36.74 -36.19 -19.37
N ALA A 472 35.43 -36.03 -19.55
CA ALA A 472 34.56 -37.19 -19.74
C ALA A 472 34.85 -37.85 -21.10
N ASP A 473 35.15 -37.04 -22.11
CA ASP A 473 35.48 -37.59 -23.45
C ASP A 473 36.76 -38.39 -23.31
N GLN A 474 37.69 -37.90 -22.51
CA GLN A 474 38.97 -38.59 -22.32
C GLN A 474 38.76 -39.90 -21.55
N LEU A 475 37.82 -39.93 -20.60
CA LEU A 475 37.51 -41.19 -19.90
C LEU A 475 36.98 -42.20 -20.92
N MET A 476 36.10 -41.76 -21.81
CA MET A 476 35.47 -42.68 -22.79
C MET A 476 36.54 -43.18 -23.76
N PHE A 477 37.67 -42.48 -23.86
CA PHE A 477 38.82 -42.92 -24.70
C PHE A 477 39.62 -43.96 -23.93
N GLY A 478 39.20 -44.29 -22.71
CA GLY A 478 39.89 -45.36 -21.97
C GLY A 478 40.99 -44.82 -21.09
N SER A 479 41.18 -43.50 -21.11
CA SER A 479 42.15 -42.86 -20.18
C SER A 479 41.45 -42.79 -18.81
N LEU A 480 41.07 -43.96 -18.27
CA LEU A 480 40.33 -44.02 -16.98
C LEU A 480 41.27 -43.68 -15.83
N ASN A 481 42.54 -43.44 -16.13
CA ASN A 481 43.50 -43.04 -15.07
C ASN A 481 43.13 -41.63 -14.57
N LEU A 482 42.40 -40.86 -15.37
CA LEU A 482 42.05 -39.45 -15.02
C LEU A 482 41.09 -39.41 -13.83
N LEU A 483 40.55 -40.54 -13.40
CA LEU A 483 39.70 -40.57 -12.18
C LEU A 483 40.60 -40.34 -10.96
N GLU A 484 41.92 -40.38 -11.12
CA GLU A 484 42.83 -40.25 -9.96
C GLU A 484 43.28 -38.80 -9.79
N GLU A 485 43.59 -38.41 -8.56
CA GLU A 485 43.97 -37.00 -8.24
C GLU A 485 45.13 -36.48 -9.08
N LYS A 486 46.30 -37.11 -9.00
CA LYS A 486 47.51 -36.58 -9.70
C LYS A 486 47.20 -36.38 -11.19
N TYR A 487 46.60 -37.38 -11.82
CA TYR A 487 46.27 -37.29 -13.25
C TYR A 487 45.26 -36.16 -13.50
N ALA A 488 44.21 -36.08 -12.70
CA ALA A 488 43.14 -35.08 -12.95
C ALA A 488 43.71 -33.68 -12.80
N ILE A 489 44.46 -33.44 -11.73
CA ILE A 489 45.04 -32.10 -11.49
C ILE A 489 45.84 -31.69 -12.73
N GLU A 490 46.72 -32.56 -13.20
CA GLU A 490 47.58 -32.25 -14.38
C GLU A 490 46.71 -31.98 -15.60
N PHE A 491 45.71 -32.81 -15.85
CA PHE A 491 44.81 -32.60 -17.01
C PHE A 491 44.22 -31.20 -16.95
N PHE A 492 43.65 -30.80 -15.82
CA PHE A 492 42.95 -29.49 -15.77
C PHE A 492 43.95 -28.34 -15.93
N LYS A 493 45.11 -28.43 -15.30
CA LYS A 493 46.14 -27.36 -15.46
C LYS A 493 46.63 -27.33 -16.92
N ASN A 494 47.11 -28.44 -17.45
CA ASN A 494 47.75 -28.40 -18.79
C ASN A 494 46.70 -28.21 -19.88
N LYS A 495 45.62 -28.97 -19.86
CA LYS A 495 44.64 -28.88 -20.97
C LYS A 495 43.69 -27.69 -20.80
N HIS A 496 43.40 -27.21 -19.60
CA HIS A 496 42.33 -26.17 -19.48
C HIS A 496 42.74 -24.94 -18.67
N GLY A 497 43.95 -24.93 -18.11
CA GLY A 497 44.44 -23.77 -17.34
C GLY A 497 43.74 -23.62 -16.01
N LEU A 498 43.12 -24.68 -15.52
CA LEU A 498 42.35 -24.60 -14.25
C LEU A 498 43.12 -25.31 -13.14
N VAL A 499 43.21 -24.67 -11.98
CA VAL A 499 43.94 -25.23 -10.81
C VAL A 499 42.94 -25.86 -9.85
N ILE A 500 42.93 -27.18 -9.74
CA ILE A 500 42.04 -27.91 -8.78
C ILE A 500 42.47 -27.57 -7.36
N LYS A 501 41.53 -27.12 -6.53
CA LYS A 501 41.84 -26.76 -5.13
C LYS A 501 42.29 -28.00 -4.37
N GLU A 502 43.21 -27.83 -3.43
CA GLU A 502 43.77 -28.98 -2.70
C GLU A 502 42.70 -29.74 -1.92
N GLY A 503 42.71 -31.07 -2.00
CA GLY A 503 41.76 -31.87 -1.21
C GLY A 503 40.45 -32.11 -1.90
N THR A 504 40.15 -31.30 -2.91
CA THR A 504 38.82 -31.39 -3.56
C THR A 504 38.72 -32.62 -4.45
N TRP A 505 39.85 -33.24 -4.83
CA TRP A 505 39.76 -34.49 -5.64
C TRP A 505 39.93 -35.73 -4.75
N LYS A 506 38.88 -36.12 -4.06
CA LYS A 506 38.90 -37.34 -3.23
C LYS A 506 37.62 -38.11 -3.54
N PRO A 507 37.59 -39.03 -4.56
CA PRO A 507 36.37 -39.73 -4.92
C PRO A 507 35.86 -40.57 -3.74
N ALA A 508 34.55 -40.75 -3.64
CA ALA A 508 33.99 -41.47 -2.47
C ALA A 508 32.82 -42.36 -2.88
N LEU A 509 32.71 -43.51 -2.23
CA LEU A 509 31.57 -44.43 -2.50
C LEU A 509 30.28 -43.76 -2.02
N VAL A 510 29.22 -43.93 -2.79
CA VAL A 510 27.94 -43.24 -2.47
C VAL A 510 26.98 -44.22 -1.84
N ASN A 511 26.23 -43.76 -0.83
CA ASN A 511 25.12 -44.56 -0.26
C ASN A 511 23.97 -44.27 -1.23
N GLU A 512 23.86 -45.06 -2.29
CA GLU A 512 22.84 -44.81 -3.34
C GLU A 512 21.47 -44.66 -2.69
N ASP A 513 21.08 -45.56 -1.80
CA ASP A 513 19.78 -45.36 -1.08
C ASP A 513 20.09 -45.25 0.41
N PRO A 514 20.31 -44.04 1.00
CA PRO A 514 20.73 -43.97 2.39
C PRO A 514 19.62 -44.26 3.41
N GLY A 515 19.99 -44.85 4.53
CA GLY A 515 18.99 -45.14 5.57
C GLY A 515 18.62 -43.89 6.35
N PHE A 516 17.64 -44.02 7.23
CA PHE A 516 17.16 -42.87 8.02
C PHE A 516 18.34 -42.32 8.84
N GLY A 517 18.62 -41.02 8.70
CA GLY A 517 19.70 -40.38 9.46
C GLY A 517 21.07 -40.64 8.86
N GLU A 518 21.12 -40.97 7.56
CA GLU A 518 22.42 -41.32 6.94
C GLU A 518 22.77 -40.39 5.78
N LEU A 519 24.04 -40.04 5.65
CA LEU A 519 24.50 -39.13 4.58
C LEU A 519 24.67 -39.83 3.24
N TRP A 520 24.37 -39.17 2.13
CA TRP A 520 24.65 -39.70 0.77
C TRP A 520 26.16 -39.84 0.68
N THR A 521 26.89 -38.82 1.12
CA THR A 521 28.37 -38.88 1.25
C THR A 521 28.74 -37.83 2.30
N GLU A 522 30.00 -37.76 2.70
CA GLU A 522 30.40 -36.67 3.62
C GLU A 522 30.79 -35.43 2.81
N GLN A 523 30.73 -35.51 1.48
CA GLN A 523 31.21 -34.39 0.62
C GLN A 523 30.19 -33.25 0.56
N LYS A 524 30.68 -32.06 0.23
CA LYS A 524 29.79 -30.87 0.14
C LYS A 524 29.64 -30.40 -1.30
N PHE A 525 28.41 -30.28 -1.78
CA PHE A 525 28.15 -29.65 -3.09
C PHE A 525 27.30 -28.42 -2.77
N LEU A 526 27.64 -27.26 -3.32
CA LEU A 526 26.93 -26.00 -3.06
C LEU A 526 26.99 -25.71 -1.56
N GLY A 527 28.10 -26.07 -0.92
CA GLY A 527 28.33 -25.79 0.50
C GLY A 527 27.61 -26.71 1.47
N LEU A 528 26.87 -27.71 0.97
CA LEU A 528 26.02 -28.52 1.89
C LEU A 528 26.09 -30.02 1.62
N GLN A 529 26.02 -30.83 2.67
CA GLN A 529 25.95 -32.30 2.50
C GLN A 529 24.50 -32.70 2.22
N LEU A 530 24.30 -33.90 1.68
CA LEU A 530 22.93 -34.43 1.42
C LEU A 530 22.65 -35.58 2.40
N LYS A 531 21.45 -35.61 2.99
CA LYS A 531 21.13 -36.61 4.03
C LYS A 531 19.67 -37.05 3.90
N VAL A 532 19.36 -38.25 4.34
CA VAL A 532 17.95 -38.72 4.34
C VAL A 532 17.41 -38.59 5.76
N VAL A 533 16.21 -38.02 5.89
CA VAL A 533 15.57 -37.96 7.23
C VAL A 533 14.29 -38.80 7.15
N ARG A 534 13.73 -39.07 8.32
CA ARG A 534 12.54 -39.96 8.36
C ARG A 534 11.27 -39.19 8.61
N ARG A 535 10.31 -39.30 7.71
CA ARG A 535 8.96 -38.74 7.95
C ARG A 535 8.00 -39.91 7.75
N GLU A 536 7.30 -40.33 8.80
CA GLU A 536 6.47 -41.57 8.74
C GLU A 536 7.43 -42.70 8.34
N ASN A 537 7.14 -43.43 7.28
CA ASN A 537 8.15 -44.43 6.81
C ASN A 537 8.81 -43.89 5.53
N GLU A 538 8.38 -42.71 5.07
CA GLU A 538 8.94 -42.11 3.84
C GLU A 538 10.29 -41.47 4.12
N LYS A 539 11.11 -41.37 3.08
CA LYS A 539 12.45 -40.76 3.25
C LYS A 539 12.41 -39.37 2.65
N VAL A 540 12.97 -38.40 3.36
CA VAL A 540 13.05 -37.03 2.79
C VAL A 540 14.52 -36.63 2.70
N TYR A 541 15.00 -36.38 1.49
CA TYR A 541 16.40 -35.96 1.26
C TYR A 541 16.53 -34.48 1.66
N VAL A 542 17.48 -34.18 2.52
CA VAL A 542 17.59 -32.80 3.07
C VAL A 542 19.06 -32.36 3.14
N PRO A 543 19.36 -31.03 3.08
CA PRO A 543 20.73 -30.56 3.26
C PRO A 543 21.21 -30.69 4.71
N ASN A 544 22.51 -30.84 4.89
CA ASN A 544 23.05 -31.06 6.25
C ASN A 544 24.48 -30.53 6.38
N LEU A 545 24.86 -30.10 7.57
CA LEU A 545 26.25 -29.70 7.86
C LEU A 545 26.55 -30.06 9.31
N PRO A 546 27.82 -30.31 9.71
CA PRO A 546 28.12 -30.51 11.13
C PRO A 546 27.88 -29.22 11.91
N PHE A 547 27.74 -29.34 13.23
CA PHE A 547 27.45 -28.17 14.09
C PHE A 547 28.52 -27.09 13.95
N GLU A 548 29.78 -27.49 13.80
CA GLU A 548 30.87 -26.48 13.77
C GLU A 548 30.68 -25.55 12.57
N ASP A 549 30.15 -26.05 11.47
CA ASP A 549 29.94 -25.22 10.27
C ASP A 549 28.80 -24.23 10.54
N TRP A 550 27.69 -24.70 11.10
CA TRP A 550 26.54 -23.82 11.42
C TRP A 550 26.97 -22.75 12.43
N LEU A 551 27.78 -23.13 13.41
CA LEU A 551 28.20 -22.17 14.46
C LEU A 551 29.10 -21.11 13.83
N THR A 552 29.95 -21.51 12.89
CA THR A 552 30.83 -20.54 12.17
C THR A 552 29.95 -19.51 11.47
N MET A 553 28.92 -19.96 10.76
CA MET A 553 28.00 -19.03 10.07
C MET A 553 27.28 -18.13 11.08
N TRP A 554 26.81 -18.69 12.19
CA TRP A 554 26.10 -17.89 13.22
C TRP A 554 26.99 -16.78 13.75
N VAL A 555 28.22 -17.10 14.14
CA VAL A 555 29.07 -16.08 14.80
C VAL A 555 29.62 -15.07 13.79
N THR A 556 29.60 -15.37 12.50
CA THR A 556 30.16 -14.46 11.47
C THR A 556 29.06 -13.85 10.61
N PRO A 557 28.11 -13.01 11.14
CA PRO A 557 27.06 -12.48 10.28
C PRO A 557 27.59 -11.58 9.16
N ARG A 558 27.01 -11.73 7.97
CA ARG A 558 27.40 -10.89 6.81
C ARG A 558 26.61 -9.58 6.89
N SER A 559 26.90 -8.77 7.91
CA SER A 559 26.16 -7.50 8.13
C SER A 559 27.11 -6.33 7.91
N THR A 566 19.40 0.20 16.20
CA THR A 566 18.40 0.12 17.31
C THR A 566 18.38 -1.29 17.91
N GLU A 567 18.19 -1.38 19.22
CA GLU A 567 18.13 -2.69 19.93
C GLU A 567 17.01 -3.56 19.36
N THR A 568 15.87 -2.95 19.05
CA THR A 568 14.73 -3.70 18.47
C THR A 568 15.17 -4.34 17.15
N MET A 569 15.88 -3.59 16.31
CA MET A 569 16.34 -4.11 15.01
C MET A 569 17.36 -5.24 15.25
N ARG A 570 18.23 -5.07 16.24
CA ARG A 570 19.25 -6.09 16.54
C ARG A 570 18.58 -7.38 17.02
N GLU A 571 17.55 -7.27 17.85
CA GLU A 571 16.82 -8.45 18.34
C GLU A 571 16.10 -9.16 17.18
N ARG A 572 15.46 -8.39 16.30
CA ARG A 572 14.76 -8.97 15.12
C ARG A 572 15.78 -9.68 14.23
N THR A 573 16.96 -9.10 14.09
CA THR A 573 18.00 -9.67 13.20
C THR A 573 18.42 -11.04 13.74
N LEU A 574 18.66 -11.15 15.04
CA LEU A 574 18.98 -12.47 15.64
C LEU A 574 17.87 -13.48 15.32
N PHE A 575 16.61 -13.10 15.50
CA PHE A 575 15.47 -14.02 15.25
C PHE A 575 15.49 -14.44 13.78
N ASP A 576 15.62 -13.49 12.88
CA ASP A 576 15.60 -13.77 11.42
C ASP A 576 16.79 -14.64 11.00
N ARG A 577 17.98 -14.37 11.52
CA ARG A 577 19.17 -15.17 11.19
C ARG A 577 19.01 -16.61 11.69
N ALA A 578 18.46 -16.79 12.89
CA ALA A 578 18.23 -18.13 13.45
C ALA A 578 17.23 -18.90 12.58
N ARG A 579 16.13 -18.25 12.22
CA ARG A 579 15.11 -18.89 11.35
C ARG A 579 15.75 -19.28 10.01
N GLY A 580 16.55 -18.39 9.42
CA GLY A 580 17.17 -18.66 8.11
C GLY A 580 18.11 -19.85 8.15
N LEU A 581 18.92 -19.93 9.19
CA LEU A 581 19.90 -21.03 9.32
C LEU A 581 19.15 -22.36 9.54
N LEU A 582 18.06 -22.35 10.31
CA LEU A 582 17.24 -23.58 10.48
C LEU A 582 16.74 -24.03 9.11
N VAL A 583 16.23 -23.10 8.29
CA VAL A 583 15.67 -23.44 6.95
C VAL A 583 16.77 -23.95 6.04
N THR A 584 18.00 -23.43 6.16
CA THR A 584 19.17 -23.89 5.35
C THR A 584 19.63 -25.29 5.79
N GLY A 585 19.18 -25.78 6.94
CA GLY A 585 19.54 -27.18 7.31
C GLY A 585 20.02 -27.33 8.73
N ALA A 586 20.17 -26.24 9.48
CA ALA A 586 20.62 -26.29 10.88
C ALA A 586 19.61 -27.05 11.75
N VAL A 587 18.37 -27.17 11.28
CA VAL A 587 17.32 -27.93 12.03
C VAL A 587 17.66 -29.42 12.00
N PHE A 588 18.46 -29.87 11.03
CA PHE A 588 18.81 -31.31 10.88
C PHE A 588 20.08 -31.62 11.69
N ASP A 589 20.62 -30.66 12.42
CA ASP A 589 21.76 -30.91 13.33
C ASP A 589 21.25 -30.70 14.76
N GLU A 590 21.49 -31.65 15.66
CA GLU A 590 20.94 -31.58 17.03
C GLU A 590 21.37 -30.29 17.74
N ARG A 591 22.68 -30.02 17.77
CA ARG A 591 23.17 -28.84 18.52
C ARG A 591 22.74 -27.53 17.85
N ALA A 592 22.73 -27.47 16.53
CA ALA A 592 22.38 -26.23 15.83
C ALA A 592 20.90 -25.92 16.01
N ARG A 593 20.04 -26.94 15.96
CA ARG A 593 18.59 -26.77 16.20
C ARG A 593 18.39 -26.20 17.60
N GLY A 594 19.13 -26.71 18.58
CA GLY A 594 19.04 -26.22 19.95
C GLY A 594 19.46 -24.77 20.10
N LEU A 595 20.54 -24.37 19.44
CA LEU A 595 21.04 -22.98 19.57
C LEU A 595 20.06 -22.03 18.91
N MET A 596 19.62 -22.36 17.70
CA MET A 596 18.73 -21.46 16.94
C MET A 596 17.39 -21.38 17.68
N GLY A 597 16.93 -22.48 18.25
CA GLY A 597 15.69 -22.48 19.06
C GLY A 597 15.83 -21.59 20.27
N ALA A 598 16.98 -21.61 20.91
CA ALA A 598 17.20 -20.75 22.09
C ALA A 598 17.12 -19.27 21.68
N VAL A 599 17.64 -18.93 20.51
CA VAL A 599 17.62 -17.51 20.02
C VAL A 599 16.18 -17.10 19.72
N ILE A 600 15.43 -17.94 19.02
CA ILE A 600 14.00 -17.66 18.68
C ILE A 600 13.19 -17.50 19.97
N ASN A 601 13.39 -18.39 20.93
CA ASN A 601 12.62 -18.37 22.21
C ASN A 601 12.99 -17.12 23.01
N SER A 602 14.24 -16.65 22.88
CA SER A 602 14.72 -15.47 23.63
C SER A 602 14.16 -14.17 23.05
N THR A 603 13.65 -14.23 21.81
CA THR A 603 13.09 -13.03 21.15
C THR A 603 11.77 -12.64 21.82
N ALA A 604 11.66 -11.39 22.24
CA ALA A 604 10.41 -10.87 22.87
C ALA A 604 9.22 -11.01 21.92
N PRO A 605 7.98 -11.27 22.42
CA PRO A 605 6.78 -11.38 21.58
C PRO A 605 6.51 -10.23 20.60
N GLU A 606 6.72 -9.00 21.04
CA GLU A 606 6.49 -7.80 20.20
C GLU A 606 7.44 -7.81 19.00
N VAL A 607 8.67 -8.25 19.19
CA VAL A 607 9.69 -8.26 18.10
C VAL A 607 9.32 -9.37 17.11
N VAL A 608 8.84 -10.50 17.61
CA VAL A 608 8.37 -11.60 16.73
C VAL A 608 7.16 -11.12 15.91
N CYS A 609 6.21 -10.41 16.50
CA CYS A 609 4.94 -10.07 15.81
C CYS A 609 4.92 -8.68 15.18
N MET A 610 5.99 -7.91 15.28
CA MET A 610 6.03 -6.54 14.74
C MET A 610 5.99 -6.53 13.21
N ARG A 611 5.50 -5.44 12.64
CA ARG A 611 5.49 -5.30 11.16
C ARG A 611 6.93 -5.19 10.68
N VAL A 612 7.27 -5.98 9.67
CA VAL A 612 8.68 -6.00 9.18
C VAL A 612 8.69 -5.94 7.64
N GLN A 613 9.81 -5.50 7.07
CA GLN A 613 9.93 -5.51 5.59
C GLN A 613 10.16 -6.97 5.15
N GLU A 614 9.36 -7.45 4.21
CA GLU A 614 9.54 -8.82 3.67
C GLU A 614 10.04 -8.73 2.23
N ILE A 637 4.58 -8.40 8.66
CA ILE A 637 4.15 -9.53 9.51
C ILE A 637 4.83 -10.85 9.18
N SER A 638 5.91 -11.20 9.90
CA SER A 638 6.59 -12.51 9.75
C SER A 638 6.73 -13.13 11.15
N ASP A 639 5.66 -13.73 11.69
CA ASP A 639 5.66 -14.21 13.10
C ASP A 639 5.72 -15.75 13.17
N GLY A 640 6.17 -16.41 12.10
CA GLY A 640 6.31 -17.86 12.12
C GLY A 640 7.68 -18.35 12.50
N TYR A 641 7.82 -19.65 12.71
CA TYR A 641 9.10 -20.25 13.11
C TYR A 641 9.28 -21.54 12.31
N PRO A 642 10.53 -21.95 11.96
CA PRO A 642 10.75 -23.14 11.18
C PRO A 642 10.82 -24.39 12.05
N SER A 643 9.70 -25.06 12.21
CA SER A 643 9.69 -26.36 12.94
C SER A 643 10.45 -27.39 12.13
N TYR A 644 10.94 -28.44 12.78
CA TYR A 644 11.57 -29.57 12.04
C TYR A 644 10.61 -30.06 10.97
N ASP A 645 9.34 -30.23 11.33
CA ASP A 645 8.34 -30.79 10.39
C ASP A 645 8.14 -29.85 9.20
N TRP A 646 8.11 -28.54 9.43
CA TRP A 646 7.90 -27.59 8.33
C TRP A 646 9.09 -27.62 7.36
N VAL A 647 10.30 -27.68 7.91
CA VAL A 647 11.52 -27.69 7.05
C VAL A 647 11.55 -28.99 6.25
N VAL A 648 11.18 -30.11 6.86
CA VAL A 648 11.08 -31.41 6.13
C VAL A 648 10.08 -31.23 4.98
N SER A 649 8.94 -30.58 5.24
CA SER A 649 7.93 -30.31 4.20
C SER A 649 8.51 -29.45 3.07
N LEU A 650 9.27 -28.41 3.40
CA LEU A 650 9.85 -27.51 2.37
C LEU A 650 10.74 -28.32 1.43
N TYR A 651 11.56 -29.22 1.96
CA TYR A 651 12.49 -30.03 1.13
C TYR A 651 11.71 -31.14 0.42
N SER A 652 10.56 -31.53 0.95
CA SER A 652 9.71 -32.54 0.27
C SER A 652 9.01 -31.94 -0.94
N ARG A 653 8.27 -32.76 -1.69
CA ARG A 653 7.49 -32.24 -2.84
C ARG A 653 6.10 -31.84 -2.37
N ASP A 654 5.96 -31.60 -1.07
CA ASP A 654 4.65 -31.16 -0.51
C ASP A 654 4.24 -29.82 -1.08
N HIS A 655 2.94 -29.56 -1.09
CA HIS A 655 2.47 -28.22 -1.48
C HIS A 655 3.02 -27.23 -0.47
N PRO A 656 3.46 -26.00 -0.86
CA PRO A 656 3.94 -25.04 0.10
C PRO A 656 2.95 -24.72 1.23
N CYS A 657 3.44 -24.65 2.46
CA CYS A 657 2.59 -24.25 3.61
C CYS A 657 3.26 -23.11 4.38
N ASP A 658 2.46 -22.36 5.14
CA ASP A 658 3.04 -21.30 6.00
C ASP A 658 3.75 -21.92 7.20
N MET A 659 4.77 -21.24 7.69
CA MET A 659 5.47 -21.69 8.91
C MET A 659 4.49 -21.73 10.08
N PRO A 660 4.62 -22.67 11.05
CA PRO A 660 3.80 -22.63 12.24
C PRO A 660 3.99 -21.31 13.02
N ARG A 661 2.90 -20.78 13.55
CA ARG A 661 2.95 -19.50 14.29
C ARG A 661 3.60 -19.65 15.67
N VAL A 662 4.46 -18.70 16.03
CA VAL A 662 5.04 -18.70 17.40
C VAL A 662 3.88 -18.45 18.37
N PHE A 663 3.01 -17.49 18.03
CA PHE A 663 1.83 -17.16 18.85
C PHE A 663 0.58 -17.43 18.00
N PRO A 664 -0.11 -18.60 18.16
CA PRO A 664 -1.26 -18.90 17.31
C PRO A 664 -2.46 -17.96 17.49
N GLU A 665 -2.59 -17.34 18.67
CA GLU A 665 -3.73 -16.43 18.93
C GLU A 665 -3.30 -14.97 18.74
N ALA A 666 -2.08 -14.72 18.26
CA ALA A 666 -1.57 -13.34 18.11
C ALA A 666 -2.51 -12.49 17.27
N ALA A 667 -2.88 -12.94 16.08
CA ALA A 667 -3.75 -12.13 15.19
C ALA A 667 -5.05 -11.73 15.91
N THR A 668 -5.69 -12.67 16.58
CA THR A 668 -6.98 -12.39 17.24
C THR A 668 -6.74 -11.42 18.41
N LEU A 669 -5.64 -11.56 19.12
CA LEU A 669 -5.34 -10.66 20.27
C LEU A 669 -4.99 -9.26 19.78
N ILE A 670 -4.22 -9.14 18.69
CA ILE A 670 -3.81 -7.81 18.15
C ILE A 670 -5.08 -7.12 17.64
N ALA A 671 -5.94 -7.84 16.92
CA ALA A 671 -7.21 -7.26 16.43
C ALA A 671 -8.20 -7.06 17.56
N SER A 672 -7.95 -7.67 18.73
CA SER A 672 -8.86 -7.60 19.90
C SER A 672 -10.24 -8.18 19.53
N TYR A 673 -10.31 -9.00 18.49
CA TYR A 673 -11.60 -9.59 18.07
C TYR A 673 -11.41 -11.02 17.58
N ARG A 674 -12.34 -11.91 17.93
CA ARG A 674 -12.34 -13.28 17.38
C ARG A 674 -13.76 -13.56 16.87
N LYS A 675 -13.89 -13.99 15.61
CA LYS A 675 -15.23 -14.18 15.02
C LYS A 675 -16.08 -15.23 15.75
N GLN A 676 -17.30 -14.88 16.12
CA GLN A 676 -18.22 -15.86 16.74
C GLN A 676 -19.37 -15.98 15.76
N VAL A 677 -19.63 -17.18 15.26
CA VAL A 677 -20.70 -17.37 14.24
C VAL A 677 -22.06 -17.07 14.89
N MET A 678 -22.87 -16.22 14.27
CA MET A 678 -24.20 -15.84 14.79
C MET A 678 -25.23 -16.02 13.68
N ASP A 679 -26.08 -17.04 13.80
CA ASP A 679 -27.04 -17.41 12.72
C ASP A 679 -28.29 -16.54 12.71
N THR A 680 -28.58 -15.91 11.58
CA THR A 680 -29.78 -15.04 11.45
C THR A 680 -31.02 -15.89 11.18
N ARG A 681 -30.87 -17.19 10.90
CA ARG A 681 -32.02 -18.06 10.54
C ARG A 681 -32.58 -18.75 11.79
N VAL A 682 -32.21 -18.29 12.98
CA VAL A 682 -32.68 -18.90 14.26
C VAL A 682 -34.17 -18.63 14.52
N VAL A 683 -34.78 -19.40 15.43
CA VAL A 683 -36.19 -19.17 15.82
C VAL A 683 -36.20 -18.56 17.23
N THR B 24 17.38 -5.46 -1.33
CA THR B 24 16.94 -6.70 -2.04
C THR B 24 16.77 -6.40 -3.53
N ARG B 25 16.61 -7.44 -4.36
CA ARG B 25 16.54 -7.23 -5.82
C ARG B 25 15.16 -6.70 -6.22
N LEU B 26 15.17 -5.65 -7.03
CA LEU B 26 13.91 -4.98 -7.45
C LEU B 26 13.99 -4.59 -8.92
N SER B 27 12.88 -4.65 -9.62
CA SER B 27 12.84 -4.17 -11.01
C SER B 27 13.08 -2.66 -11.06
N LEU B 28 13.62 -2.18 -12.17
CA LEU B 28 13.91 -0.73 -12.31
C LEU B 28 12.60 0.05 -12.34
N GLU B 29 11.54 -0.52 -12.90
CA GLU B 29 10.21 0.13 -12.88
C GLU B 29 9.76 0.31 -11.43
N ALA B 30 9.91 -0.74 -10.62
CA ALA B 30 9.47 -0.68 -9.23
C ALA B 30 10.30 0.37 -8.49
N MET B 31 11.59 0.45 -8.76
CA MET B 31 12.45 1.46 -8.11
C MET B 31 11.97 2.86 -8.50
N LEU B 32 11.64 3.07 -9.77
CA LEU B 32 11.15 4.39 -10.25
C LEU B 32 9.85 4.75 -9.50
N ALA B 33 8.94 3.78 -9.37
CA ALA B 33 7.64 4.01 -8.71
C ALA B 33 7.85 4.43 -7.25
N GLU B 34 8.60 3.61 -6.52
CA GLU B 34 8.91 3.93 -5.11
C GLU B 34 9.48 5.34 -5.03
N ARG B 35 10.44 5.67 -5.90
CA ARG B 35 11.09 7.00 -5.84
C ARG B 35 10.05 8.11 -6.01
N ALA B 36 9.09 7.94 -6.92
CA ALA B 36 8.07 8.98 -7.19
C ALA B 36 7.17 9.18 -5.97
N MET B 37 6.78 8.07 -5.31
CA MET B 37 5.94 8.14 -4.09
C MET B 37 6.69 8.94 -3.03
N VAL B 38 7.94 8.58 -2.78
CA VAL B 38 8.76 9.28 -1.75
C VAL B 38 8.92 10.75 -2.14
N ALA B 39 9.08 11.04 -3.43
CA ALA B 39 9.35 12.44 -3.85
C ALA B 39 8.16 13.36 -3.59
N ARG B 40 6.94 12.84 -3.69
CA ARG B 40 5.72 13.67 -3.46
C ARG B 40 5.55 13.91 -1.96
N GLN B 41 6.28 13.18 -1.13
CA GLN B 41 6.20 13.37 0.34
C GLN B 41 7.32 14.32 0.79
N ASP B 42 8.20 14.73 -0.12
CA ASP B 42 9.27 15.71 0.22
C ASP B 42 8.91 17.07 -0.37
N LEU B 43 8.40 17.98 0.45
CA LEU B 43 7.97 19.31 -0.02
C LEU B 43 9.16 20.10 -0.59
N ALA B 44 10.30 20.06 0.09
CA ALA B 44 11.48 20.85 -0.37
C ALA B 44 11.95 20.34 -1.72
N GLY B 45 11.94 19.04 -1.91
CA GLY B 45 12.30 18.49 -3.22
C GLY B 45 11.32 18.91 -4.28
N LEU B 46 10.02 18.88 -3.96
CA LEU B 46 8.98 19.30 -4.92
C LEU B 46 9.20 20.77 -5.30
N LYS B 47 9.46 21.63 -4.31
CA LYS B 47 9.72 23.05 -4.59
C LYS B 47 10.88 23.19 -5.59
N ARG B 48 12.00 22.52 -5.33
CA ARG B 48 13.20 22.61 -6.20
C ARG B 48 12.88 22.09 -7.60
N LYS B 49 12.21 20.94 -7.69
CA LYS B 49 11.95 20.32 -9.00
C LYS B 49 10.98 21.14 -9.85
N LEU B 50 10.03 21.85 -9.23
CA LEU B 50 8.98 22.55 -10.00
C LEU B 50 9.23 24.06 -10.06
N ALA B 51 10.41 24.52 -9.65
CA ALA B 51 10.70 25.98 -9.59
C ALA B 51 10.70 26.64 -10.97
N GLY B 52 11.00 25.90 -12.03
CA GLY B 52 10.94 26.50 -13.38
C GLY B 52 9.82 25.93 -14.22
N ALA B 53 8.92 25.16 -13.61
CA ALA B 53 7.86 24.47 -14.38
C ALA B 53 6.77 25.42 -14.87
N ASP B 54 6.23 25.13 -16.04
CA ASP B 54 5.12 25.92 -16.60
C ASP B 54 3.83 25.58 -15.83
N ARG B 55 3.11 26.61 -15.43
CA ARG B 55 1.86 26.39 -14.69
C ARG B 55 0.68 26.75 -15.56
N VAL B 56 -0.28 25.84 -15.73
CA VAL B 56 -1.55 26.17 -16.44
C VAL B 56 -2.45 26.87 -15.42
N LEU B 57 -2.36 28.20 -15.38
CA LEU B 57 -3.10 28.98 -14.37
C LEU B 57 -4.60 29.01 -14.68
N ALA B 58 -5.38 28.88 -13.62
CA ALA B 58 -6.84 28.94 -13.77
C ALA B 58 -7.27 30.36 -14.09
N PRO B 59 -8.40 30.61 -14.80
CA PRO B 59 -8.92 31.95 -14.97
C PRO B 59 -9.20 32.55 -13.58
N GLN B 60 -8.77 33.78 -13.37
CA GLN B 60 -8.95 34.39 -12.04
C GLN B 60 -9.37 35.85 -12.13
N SER B 61 -9.83 36.35 -11.01
CA SER B 61 -10.18 37.77 -10.91
C SER B 61 -9.04 38.47 -10.16
N PRO B 62 -8.73 39.78 -10.38
CA PRO B 62 -7.55 40.37 -9.76
C PRO B 62 -7.65 40.71 -8.26
N GLU B 63 -6.51 40.91 -7.62
CA GLU B 63 -6.48 41.28 -6.19
C GLU B 63 -7.02 42.71 -5.98
N GLN B 64 -7.86 42.89 -4.98
CA GLN B 64 -8.47 44.22 -4.75
C GLN B 64 -7.72 44.91 -3.61
N CYS B 65 -6.99 44.13 -2.81
CA CYS B 65 -6.21 44.69 -1.68
C CYS B 65 -5.02 43.78 -1.36
N GLY B 66 -4.08 44.27 -0.55
CA GLY B 66 -2.88 43.49 -0.20
C GLY B 66 -3.13 42.47 0.89
N ARG B 67 -2.14 41.64 1.17
CA ARG B 67 -2.28 40.57 2.18
C ARG B 67 -2.63 41.14 3.55
N GLU B 68 -1.92 42.17 4.00
CA GLU B 68 -2.11 42.70 5.38
C GLU B 68 -3.46 43.38 5.51
N SER B 69 -3.93 44.10 4.48
CA SER B 69 -5.27 44.74 4.52
C SER B 69 -6.35 43.65 4.60
N ALA B 70 -6.21 42.59 3.82
CA ALA B 70 -7.20 41.49 3.84
C ALA B 70 -7.23 40.85 5.23
N GLN B 71 -6.07 40.65 5.83
CA GLN B 71 -5.98 40.01 7.16
C GLN B 71 -6.62 40.92 8.21
N ALA B 72 -6.42 42.23 8.10
CA ALA B 72 -6.98 43.19 9.07
C ALA B 72 -8.51 43.23 8.97
N GLN B 73 -9.03 43.28 7.76
CA GLN B 73 -10.49 43.30 7.55
C GLN B 73 -11.09 41.98 8.06
N ALA B 74 -10.38 40.87 7.87
CA ALA B 74 -10.83 39.57 8.38
C ALA B 74 -10.81 39.58 9.91
N ARG B 75 -9.74 40.08 10.50
CA ARG B 75 -9.62 40.14 11.99
C ARG B 75 -10.78 40.96 12.54
N SER B 76 -11.10 42.10 11.93
CA SER B 76 -12.21 42.97 12.37
C SER B 76 -13.54 42.20 12.36
N VAL B 77 -13.89 41.59 11.23
CA VAL B 77 -15.18 40.85 11.10
C VAL B 77 -15.19 39.68 12.10
N THR B 78 -14.05 39.02 12.27
CA THR B 78 -13.98 37.85 13.18
C THR B 78 -14.27 38.29 14.62
N SER B 79 -13.76 39.47 15.03
CA SER B 79 -13.98 39.99 16.39
C SER B 79 -15.47 40.31 16.61
N GLU B 80 -16.09 40.94 15.64
CA GLU B 80 -17.55 41.25 15.73
C GLU B 80 -18.37 39.96 15.81
N LEU B 81 -18.03 38.95 15.01
CA LEU B 81 -18.78 37.68 14.99
C LEU B 81 -18.62 36.97 16.34
N LYS B 82 -17.41 36.95 16.88
CA LYS B 82 -17.16 36.26 18.15
C LYS B 82 -17.98 36.95 19.25
N SER B 83 -18.11 38.27 19.18
CA SER B 83 -18.94 39.02 20.16
C SER B 83 -20.40 38.58 20.03
N ALA B 84 -20.91 38.47 18.80
CA ALA B 84 -22.32 38.13 18.61
C ALA B 84 -22.58 36.69 19.07
N VAL B 85 -21.68 35.78 18.77
CA VAL B 85 -21.86 34.35 19.14
C VAL B 85 -21.80 34.24 20.66
N LYS B 86 -20.84 34.90 21.29
CA LYS B 86 -20.70 34.87 22.77
C LYS B 86 -21.98 35.41 23.41
N GLU B 87 -22.55 36.49 22.85
CA GLU B 87 -23.78 37.09 23.42
C GLU B 87 -24.93 36.10 23.29
N ALA B 88 -25.09 35.49 22.13
CA ALA B 88 -26.18 34.51 21.91
C ALA B 88 -25.99 33.28 22.79
N GLN B 89 -24.75 32.89 23.07
CA GLN B 89 -24.49 31.69 23.91
C GLN B 89 -24.80 32.03 25.37
N GLY B 90 -24.77 33.30 25.75
CA GLY B 90 -25.10 33.73 27.12
C GLY B 90 -26.59 33.77 27.36
N LEU B 91 -27.40 33.65 26.30
CA LEU B 91 -28.87 33.74 26.42
C LEU B 91 -29.40 32.56 27.24
N GLU B 92 -30.37 32.86 28.11
CA GLU B 92 -30.95 31.83 29.00
C GLU B 92 -31.83 30.86 28.21
N HIS B 93 -31.81 29.59 28.61
CA HIS B 93 -32.61 28.55 27.92
C HIS B 93 -33.80 28.12 28.77
N GLN B 94 -34.87 27.71 28.12
CA GLN B 94 -36.08 27.28 28.86
C GLN B 94 -35.87 25.90 29.48
N THR B 95 -36.75 25.52 30.40
CA THR B 95 -36.63 24.23 31.13
C THR B 95 -36.90 23.03 30.22
N LEU B 96 -36.41 21.86 30.64
CA LEU B 96 -36.61 20.59 29.88
C LEU B 96 -37.77 19.81 30.49
N ASP B 97 -38.78 20.49 31.03
CA ASP B 97 -39.95 19.84 31.67
C ASP B 97 -40.86 19.23 30.60
N PHE B 98 -40.65 19.57 29.32
CA PHE B 98 -41.49 19.03 28.22
C PHE B 98 -41.11 17.57 27.94
N LEU B 99 -40.05 17.07 28.57
CA LEU B 99 -39.60 15.69 28.34
C LEU B 99 -39.88 14.81 29.55
N GLU B 100 -40.11 13.52 29.32
CA GLU B 100 -40.25 12.54 30.43
C GLU B 100 -38.89 12.44 31.12
N GLN B 101 -38.90 12.39 32.46
CA GLN B 101 -37.64 12.29 33.25
C GLN B 101 -37.46 10.85 33.74
N LEU B 102 -36.37 10.19 33.35
CA LEU B 102 -36.19 8.76 33.67
C LEU B 102 -35.12 8.57 34.74
N GLY B 103 -34.65 9.66 35.36
CA GLY B 103 -33.67 9.57 36.44
C GLY B 103 -32.23 9.55 35.97
N GLU B 104 -31.37 8.82 36.67
CA GLU B 104 -29.96 8.69 36.29
C GLU B 104 -29.69 7.22 35.97
N TYR B 105 -28.69 6.96 35.13
CA TYR B 105 -28.33 5.57 34.77
C TYR B 105 -26.93 5.25 35.30
N PRO B 106 -26.67 4.04 35.87
CA PRO B 106 -25.31 3.73 36.31
C PRO B 106 -24.38 3.48 35.12
N VAL B 107 -23.09 3.80 35.29
CA VAL B 107 -22.11 3.52 34.21
C VAL B 107 -22.07 2.02 33.95
N CYS B 108 -21.88 1.63 32.69
CA CYS B 108 -21.78 0.19 32.33
C CYS B 108 -20.56 -0.44 32.99
N GLY B 109 -20.73 -1.62 33.57
CA GLY B 109 -19.59 -2.32 34.20
C GLY B 109 -19.13 -3.49 33.36
N ILE B 110 -19.63 -3.60 32.13
CA ILE B 110 -19.20 -4.69 31.21
C ILE B 110 -17.70 -4.52 30.95
N LEU B 111 -16.96 -5.61 31.08
CA LEU B 111 -15.49 -5.54 30.88
C LEU B 111 -15.12 -6.37 29.66
N HIS B 112 -14.33 -5.81 28.75
CA HIS B 112 -13.83 -6.61 27.60
C HIS B 112 -12.33 -6.75 27.77
N GLY B 113 -11.89 -7.96 28.11
CA GLY B 113 -10.46 -8.21 28.34
C GLY B 113 -9.90 -7.42 29.49
N ASP B 114 -8.94 -6.53 29.22
CA ASP B 114 -8.26 -5.78 30.30
C ASP B 114 -8.92 -4.44 30.59
N HIS B 115 -9.99 -4.08 29.89
CA HIS B 115 -10.55 -2.72 30.06
C HIS B 115 -12.08 -2.69 30.10
N PRO B 116 -12.72 -1.72 30.81
CA PRO B 116 -14.17 -1.61 30.71
C PRO B 116 -14.58 -0.99 29.36
N VAL B 117 -15.69 -1.44 28.80
CA VAL B 117 -16.23 -0.89 27.52
C VAL B 117 -16.51 0.59 27.74
N HIS B 118 -16.95 0.97 28.93
CA HIS B 118 -17.11 2.39 29.29
C HIS B 118 -15.80 2.80 29.93
N PRO B 119 -14.95 3.66 29.29
CA PRO B 119 -13.65 3.96 29.84
C PRO B 119 -13.71 4.63 31.21
N SER B 120 -12.74 4.30 32.06
CA SER B 120 -12.66 4.91 33.40
C SER B 120 -12.32 6.39 33.28
N GLY B 121 -12.92 7.22 34.11
CA GLY B 121 -12.61 8.65 34.13
C GLY B 121 -13.31 9.41 33.02
N THR B 122 -14.15 8.72 32.25
CA THR B 122 -14.88 9.39 31.15
C THR B 122 -16.39 9.24 31.35
N HIS B 123 -17.14 10.32 31.14
CA HIS B 123 -18.63 10.26 31.17
C HIS B 123 -19.10 9.60 32.47
N ASN B 124 -18.51 10.01 33.60
CA ASN B 124 -18.82 9.35 34.88
C ASN B 124 -18.94 10.36 36.02
N ASN B 125 -20.12 10.47 36.60
CA ASN B 125 -20.29 11.32 37.81
C ASN B 125 -20.82 10.41 38.92
N ASN B 126 -19.92 9.94 39.79
CA ASN B 126 -20.32 9.10 40.95
C ASN B 126 -21.05 7.85 40.47
N GLY B 127 -20.52 7.20 39.43
CA GLY B 127 -21.11 5.95 38.94
C GLY B 127 -22.28 6.19 38.04
N LYS B 128 -22.54 7.45 37.69
CA LYS B 128 -23.69 7.79 36.81
C LYS B 128 -23.16 8.31 35.47
N VAL B 129 -23.75 7.86 34.36
CA VAL B 129 -23.36 8.33 33.00
C VAL B 129 -23.61 9.84 32.92
N SER B 130 -22.64 10.58 32.42
CA SER B 130 -22.76 12.06 32.33
C SER B 130 -22.29 12.54 30.96
N VAL B 131 -22.83 13.66 30.49
CA VAL B 131 -22.35 14.30 29.23
C VAL B 131 -22.22 15.80 29.46
N LYS B 132 -21.42 16.47 28.65
CA LYS B 132 -21.32 17.94 28.74
C LYS B 132 -21.50 18.52 27.33
N ARG B 133 -22.52 19.35 27.14
CA ARG B 133 -22.76 19.98 25.83
C ARG B 133 -21.73 21.09 25.61
N GLN B 134 -21.11 21.10 24.44
CA GLN B 134 -20.10 22.12 24.10
C GLN B 134 -20.70 23.19 23.20
N PHE B 135 -20.60 24.44 23.63
CA PHE B 135 -21.09 25.60 22.84
C PHE B 135 -19.91 26.58 22.75
N ALA B 136 -18.97 26.34 21.84
CA ALA B 136 -17.73 27.14 21.77
C ALA B 136 -17.88 28.43 20.99
N ALA B 137 -17.01 29.42 21.27
CA ALA B 137 -17.12 30.74 20.61
C ALA B 137 -16.52 30.72 19.21
N GLY B 138 -16.02 29.56 18.77
CA GLY B 138 -15.56 29.42 17.39
C GLY B 138 -14.21 30.02 17.10
N VAL B 139 -14.00 30.45 15.85
CA VAL B 139 -12.69 31.02 15.41
C VAL B 139 -11.61 29.95 15.60
N SER B 142 -9.85 34.06 9.80
CA SER B 142 -9.81 32.80 9.03
C SER B 142 -9.15 33.00 7.66
N ASP B 143 -8.57 31.92 7.15
CA ASP B 143 -7.89 31.97 5.83
C ASP B 143 -8.86 32.29 4.70
N ALA B 144 -10.03 31.65 4.67
CA ALA B 144 -11.02 31.85 3.59
C ALA B 144 -11.51 33.29 3.56
N LEU B 145 -11.82 33.86 4.72
CA LEU B 145 -12.27 35.27 4.80
C LEU B 145 -11.16 36.20 4.32
N THR B 146 -9.93 35.90 4.65
CA THR B 146 -8.78 36.72 4.19
C THR B 146 -8.73 36.67 2.66
N CYS B 147 -8.92 35.50 2.07
CA CYS B 147 -8.92 35.36 0.59
C CYS B 147 -10.08 36.15 -0.03
N ALA B 148 -11.25 36.15 0.61
CA ALA B 148 -12.42 36.87 0.07
C ALA B 148 -12.14 38.37 0.03
N PHE B 149 -11.63 38.93 1.12
CA PHE B 149 -11.29 40.37 1.18
C PHE B 149 -10.19 40.70 0.17
N ARG B 150 -9.25 39.80 -0.01
CA ARG B 150 -8.17 39.99 -0.98
C ARG B 150 -8.74 40.13 -2.40
N PHE B 151 -9.74 39.34 -2.77
CA PHE B 151 -10.20 39.31 -4.18
C PHE B 151 -11.61 39.86 -4.41
N GLU B 152 -12.31 40.30 -3.37
CA GLU B 152 -13.70 40.76 -3.55
C GLU B 152 -13.97 42.10 -2.87
N ASP B 153 -15.11 42.71 -3.17
CA ASP B 153 -15.51 44.01 -2.57
C ASP B 153 -15.64 43.86 -1.06
N SER B 154 -15.03 44.78 -0.31
CA SER B 154 -15.01 44.72 1.17
C SER B 154 -16.42 44.73 1.76
N ASP B 155 -17.30 45.58 1.25
CA ASP B 155 -18.67 45.70 1.81
C ASP B 155 -19.43 44.38 1.63
N LEU B 156 -19.37 43.79 0.45
CA LEU B 156 -20.08 42.51 0.19
C LEU B 156 -19.52 41.42 1.11
N VAL B 157 -18.19 41.33 1.21
CA VAL B 157 -17.58 40.27 2.05
C VAL B 157 -18.03 40.50 3.49
N ARG B 158 -17.98 41.74 3.97
CA ARG B 158 -18.33 42.03 5.38
C ARG B 158 -19.79 41.66 5.62
N GLU B 159 -20.69 42.06 4.73
CA GLU B 159 -22.14 41.74 4.90
C GLU B 159 -22.34 40.22 4.88
N THR B 160 -21.67 39.51 3.97
CA THR B 160 -21.82 38.04 3.84
C THR B 160 -21.33 37.36 5.12
N ALA B 161 -20.17 37.75 5.63
CA ALA B 161 -19.56 37.07 6.81
C ALA B 161 -20.31 37.40 8.11
N LEU B 162 -20.88 38.58 8.21
CA LEU B 162 -21.66 38.89 9.43
C LEU B 162 -23.03 38.20 9.40
N LYS B 163 -23.51 37.76 8.25
CA LYS B 163 -24.88 37.19 8.16
C LYS B 163 -24.89 35.72 8.57
N THR B 164 -23.87 34.96 8.20
CA THR B 164 -23.87 33.49 8.46
C THR B 164 -22.55 33.05 9.09
N THR B 165 -22.58 32.09 10.01
CA THR B 165 -21.35 31.56 10.63
C THR B 165 -21.45 30.06 10.91
N TYR B 166 -20.34 29.33 10.82
CA TYR B 166 -20.31 27.89 11.19
C TYR B 166 -20.06 27.83 12.70
N THR B 167 -21.07 27.43 13.45
CA THR B 167 -20.94 27.46 14.93
C THR B 167 -21.67 26.29 15.61
N ASP B 168 -21.31 26.01 16.87
CA ASP B 168 -21.96 24.97 17.70
C ASP B 168 -23.36 25.43 18.11
N GLY B 169 -23.66 26.69 17.88
CA GLY B 169 -24.99 27.23 18.19
C GLY B 169 -25.13 27.72 19.62
N THR B 170 -26.37 27.72 20.13
CA THR B 170 -26.64 28.27 21.48
C THR B 170 -27.51 27.32 22.29
N TRP B 171 -27.38 27.38 23.61
CA TRP B 171 -28.25 26.59 24.51
C TRP B 171 -29.71 26.98 24.26
N ALA B 172 -29.97 28.28 24.13
CA ALA B 172 -31.37 28.76 23.94
C ALA B 172 -31.97 28.18 22.66
N GLY B 173 -31.28 28.30 21.53
CA GLY B 173 -31.77 27.73 20.26
C GLY B 173 -31.91 26.22 20.32
N PHE B 174 -30.99 25.54 21.01
CA PHE B 174 -30.99 24.07 21.09
C PHE B 174 -32.26 23.58 21.80
N VAL B 175 -32.54 24.12 22.98
CA VAL B 175 -33.74 23.71 23.76
C VAL B 175 -35.01 24.08 23.00
N GLN B 176 -35.05 25.28 22.40
CA GLN B 176 -36.24 25.72 21.64
C GLN B 176 -36.53 24.72 20.52
N ARG B 177 -35.52 24.36 19.74
CA ARG B 177 -35.73 23.42 18.61
C ARG B 177 -36.06 22.03 19.13
N LEU B 178 -35.44 21.61 20.23
CA LEU B 178 -35.75 20.29 20.85
C LEU B 178 -37.22 20.27 21.28
N LYS B 179 -37.72 21.34 21.88
CA LYS B 179 -39.15 21.43 22.26
C LYS B 179 -40.02 21.21 21.02
N MET B 180 -39.78 21.96 19.97
CA MET B 180 -40.56 21.83 18.70
C MET B 180 -40.48 20.40 18.16
N GLN B 181 -39.30 19.79 18.16
CA GLN B 181 -39.13 18.42 17.58
C GLN B 181 -39.84 17.39 18.46
N THR B 182 -39.92 17.61 19.76
CA THR B 182 -40.49 16.58 20.68
C THR B 182 -41.97 16.81 20.99
N THR B 183 -42.51 18.01 20.76
CA THR B 183 -43.90 18.31 21.21
C THR B 183 -44.90 18.56 20.07
N ARG B 184 -44.52 18.34 18.82
CA ARG B 184 -45.43 18.68 17.71
C ARG B 184 -46.60 17.69 17.60
N LYS B 185 -47.81 18.22 17.44
CA LYS B 185 -48.99 17.36 17.17
C LYS B 185 -48.85 16.81 15.75
N CYS B 186 -48.94 15.50 15.62
CA CYS B 186 -48.75 14.89 14.30
C CYS B 186 -50.06 14.29 13.79
N VAL B 187 -50.13 14.01 12.49
CA VAL B 187 -51.30 13.34 11.90
C VAL B 187 -50.83 11.97 11.44
N GLN B 188 -51.49 10.91 11.91
CA GLN B 188 -51.10 9.53 11.53
C GLN B 188 -51.46 9.28 10.07
N GLU B 189 -50.49 8.87 9.27
CA GLU B 189 -50.72 8.71 7.82
C GLU B 189 -51.46 7.42 7.49
N LYS B 190 -52.15 7.40 6.35
CA LYS B 190 -52.80 6.16 5.85
C LYS B 190 -51.80 5.54 4.88
N VAL B 191 -51.09 4.52 5.33
CA VAL B 191 -49.98 4.00 4.50
C VAL B 191 -50.04 2.47 4.43
N SER B 192 -49.81 1.91 3.25
CA SER B 192 -49.75 0.44 3.08
C SER B 192 -48.43 0.06 2.41
N ARG B 193 -48.09 -1.22 2.40
CA ARG B 193 -46.90 -1.67 1.66
C ARG B 193 -47.11 -1.38 0.18
N LYS B 194 -48.35 -1.48 -0.28
CA LYS B 194 -48.68 -1.27 -1.71
C LYS B 194 -48.42 0.19 -2.10
N LEU B 195 -48.86 1.15 -1.29
CA LEU B 195 -48.58 2.58 -1.57
C LEU B 195 -47.06 2.79 -1.56
N LEU B 196 -46.38 2.19 -0.59
CA LEU B 196 -44.92 2.40 -0.46
C LEU B 196 -44.20 1.76 -1.66
N LYS B 197 -44.74 0.69 -2.22
CA LYS B 197 -44.10 0.12 -3.43
C LYS B 197 -44.31 1.06 -4.62
N GLN B 198 -45.44 1.74 -4.66
CA GLN B 198 -45.70 2.69 -5.77
C GLN B 198 -44.76 3.89 -5.62
N LEU B 199 -44.76 4.52 -4.44
CA LEU B 199 -43.99 5.78 -4.25
C LEU B 199 -42.50 5.51 -4.11
N PHE B 200 -42.13 4.35 -3.57
CA PHE B 200 -40.70 4.02 -3.34
C PHE B 200 -40.36 2.66 -3.94
N PRO B 201 -40.40 2.47 -5.28
CA PRO B 201 -39.97 1.19 -5.86
C PRO B 201 -38.50 0.84 -5.61
N TYR B 202 -38.20 -0.46 -5.55
CA TYR B 202 -36.83 -0.94 -5.30
C TYR B 202 -36.54 -2.17 -6.18
N ASP B 203 -35.27 -2.50 -6.34
CA ASP B 203 -34.87 -3.71 -7.08
C ASP B 203 -34.61 -4.79 -6.05
N PRO B 204 -35.43 -5.87 -5.94
CA PRO B 204 -35.22 -6.86 -4.86
C PRO B 204 -33.91 -7.64 -5.00
N GLN B 205 -33.38 -7.73 -6.21
CA GLN B 205 -32.13 -8.49 -6.45
C GLN B 205 -30.93 -7.71 -5.90
N LYS B 206 -31.05 -6.38 -5.82
CA LYS B 206 -29.94 -5.54 -5.30
C LYS B 206 -29.91 -5.59 -3.78
N LEU B 207 -30.95 -6.12 -3.13
CA LEU B 207 -30.96 -6.25 -1.65
C LEU B 207 -29.93 -7.29 -1.17
N VAL B 208 -29.19 -6.97 -0.11
CA VAL B 208 -28.16 -7.87 0.45
C VAL B 208 -28.86 -9.09 1.06
N ASP B 209 -28.19 -10.25 1.07
CA ASP B 209 -28.73 -11.50 1.66
C ASP B 209 -28.61 -11.45 3.19
N VAL B 210 -29.69 -11.10 3.86
CA VAL B 210 -29.69 -10.96 5.35
C VAL B 210 -29.79 -12.35 6.01
N SER B 211 -30.07 -13.41 5.26
CA SER B 211 -30.08 -14.78 5.86
C SER B 211 -28.65 -15.24 6.11
N GLY B 212 -27.67 -14.45 5.69
CA GLY B 212 -26.26 -14.81 5.93
C GLY B 212 -25.87 -14.65 7.37
N GLU B 213 -24.66 -15.09 7.73
CA GLU B 213 -24.16 -14.98 9.11
C GLU B 213 -24.06 -13.50 9.51
N LEU B 214 -24.46 -13.16 10.73
CA LEU B 214 -24.53 -11.75 11.16
C LEU B 214 -23.17 -11.06 11.19
N SER B 215 -22.12 -11.74 11.65
CA SER B 215 -20.80 -11.07 11.77
C SER B 215 -20.41 -10.51 10.41
N GLU B 216 -20.55 -11.31 9.36
CA GLU B 216 -20.14 -10.87 8.01
C GLU B 216 -20.99 -9.67 7.58
N LEU B 217 -22.28 -9.72 7.86
CA LEU B 217 -23.20 -8.61 7.48
C LEU B 217 -22.77 -7.32 8.17
N VAL B 218 -22.59 -7.34 9.49
CA VAL B 218 -22.21 -6.10 10.22
C VAL B 218 -20.86 -5.58 9.66
N LEU B 219 -19.95 -6.48 9.31
CA LEU B 219 -18.62 -6.06 8.79
C LEU B 219 -18.79 -5.37 7.43
N GLY B 220 -19.85 -5.67 6.70
CA GLY B 220 -20.08 -5.06 5.37
C GLY B 220 -20.67 -3.65 5.41
N ILE B 221 -21.19 -3.22 6.55
CA ILE B 221 -21.80 -1.87 6.66
C ILE B 221 -20.70 -0.81 6.56
N LYS B 222 -21.02 0.34 5.96
CA LYS B 222 -20.07 1.46 5.87
C LYS B 222 -20.37 2.46 6.98
N THR B 223 -19.35 3.09 7.54
CA THR B 223 -19.58 4.01 8.68
C THR B 223 -18.56 5.15 8.71
N ASN B 224 -18.83 6.15 9.55
CA ASN B 224 -17.87 7.24 9.76
C ASN B 224 -16.97 6.79 10.91
N ALA B 225 -15.69 6.58 10.63
CA ALA B 225 -14.77 6.06 11.66
C ALA B 225 -14.59 7.05 12.81
N ILE B 226 -14.65 8.36 12.53
CA ILE B 226 -14.40 9.38 13.58
C ILE B 226 -15.70 9.76 14.29
N ALA B 227 -16.82 9.21 13.85
CA ALA B 227 -18.10 9.48 14.54
C ALA B 227 -18.10 8.81 15.91
N SER B 228 -18.83 9.40 16.86
CA SER B 228 -18.96 8.79 18.20
C SER B 228 -19.65 7.44 18.10
N ALA B 229 -19.16 6.45 18.81
CA ALA B 229 -19.82 5.12 18.85
C ALA B 229 -21.00 5.18 19.81
N GLY B 230 -21.13 6.28 20.54
CA GLY B 230 -22.24 6.45 21.49
C GLY B 230 -22.04 5.73 22.80
N PRO B 231 -23.04 5.72 23.72
CA PRO B 231 -22.94 4.94 24.94
C PRO B 231 -23.00 3.45 24.57
N PRO B 232 -22.26 2.55 25.29
CA PRO B 232 -21.34 2.96 26.36
C PRO B 232 -19.87 3.19 26.01
N TYR B 233 -19.52 3.13 24.75
CA TYR B 233 -18.11 3.23 24.31
C TYR B 233 -17.50 4.58 24.62
N TRP B 234 -18.24 5.66 24.35
CA TRP B 234 -17.75 7.05 24.59
C TRP B 234 -16.43 7.30 23.86
N ARG B 235 -16.31 6.76 22.66
CA ARG B 235 -15.11 7.01 21.83
C ARG B 235 -15.50 6.85 20.36
N THR B 236 -14.55 7.08 19.46
CA THR B 236 -14.82 6.95 18.02
C THR B 236 -15.21 5.51 17.68
N LYS B 237 -15.94 5.34 16.59
CA LYS B 237 -16.30 4.00 16.12
C LYS B 237 -15.02 3.22 15.80
N ARG B 238 -13.99 3.89 15.31
CA ARG B 238 -12.71 3.21 15.02
C ARG B 238 -12.17 2.59 16.31
N ASP B 239 -12.08 3.39 17.36
CA ASP B 239 -11.48 2.89 18.62
C ASP B 239 -12.40 1.86 19.30
N ALA B 240 -13.71 1.95 19.11
CA ALA B 240 -14.65 1.08 19.85
C ALA B 240 -15.11 -0.13 19.04
N LEU B 241 -14.65 -0.27 17.79
CA LEU B 241 -15.11 -1.38 16.91
C LEU B 241 -14.88 -2.75 17.56
N PRO B 242 -13.68 -3.14 18.09
CA PRO B 242 -13.53 -4.47 18.69
C PRO B 242 -14.42 -4.71 19.91
N ASP B 243 -14.57 -3.71 20.77
CA ASP B 243 -15.49 -3.84 21.92
C ASP B 243 -16.91 -4.10 21.39
N MET B 244 -17.33 -3.43 20.33
CA MET B 244 -18.67 -3.67 19.75
C MET B 244 -18.74 -5.09 19.18
N LEU B 245 -17.91 -5.42 18.20
CA LEU B 245 -17.96 -6.74 17.52
C LEU B 245 -17.73 -7.91 18.49
N ASP B 246 -16.69 -7.87 19.30
CA ASP B 246 -16.34 -9.03 20.15
C ASP B 246 -17.18 -9.13 21.42
N CYS B 247 -17.53 -8.03 22.07
CA CYS B 247 -18.20 -8.15 23.37
C CYS B 247 -19.70 -7.84 23.28
N VAL B 248 -20.08 -6.59 23.03
CA VAL B 248 -21.51 -6.18 23.13
C VAL B 248 -22.41 -6.82 22.06
N LEU B 249 -22.00 -6.86 20.79
CA LEU B 249 -22.88 -7.40 19.73
C LEU B 249 -23.27 -8.86 20.02
N PRO B 250 -22.38 -9.82 20.41
CA PRO B 250 -22.81 -11.17 20.79
C PRO B 250 -23.80 -11.18 21.96
N LEU B 251 -23.57 -10.34 22.96
CA LEU B 251 -24.52 -10.23 24.08
C LEU B 251 -25.88 -9.83 23.54
N LEU B 252 -25.94 -8.78 22.72
CA LEU B 252 -27.24 -8.28 22.19
C LEU B 252 -27.93 -9.39 21.40
N TYR B 253 -27.22 -10.05 20.49
CA TYR B 253 -27.78 -11.16 19.66
C TYR B 253 -28.40 -12.22 20.56
N ASP B 254 -27.69 -12.64 21.59
CA ASP B 254 -28.18 -13.73 22.48
C ASP B 254 -29.45 -13.28 23.19
N HIS B 255 -29.52 -12.02 23.60
CA HIS B 255 -30.78 -11.53 24.22
C HIS B 255 -31.88 -11.39 23.14
N ILE B 256 -31.54 -11.02 21.90
CA ILE B 256 -32.58 -10.95 20.84
C ILE B 256 -33.18 -12.34 20.62
N VAL B 257 -32.34 -13.35 20.43
CA VAL B 257 -32.84 -14.72 20.08
C VAL B 257 -33.54 -15.37 21.28
N ARG B 258 -33.29 -14.89 22.50
CA ARG B 258 -33.93 -15.46 23.71
C ARG B 258 -35.16 -14.62 24.11
N LYS B 259 -35.48 -13.56 23.37
CA LYS B 259 -36.59 -12.62 23.73
C LYS B 259 -36.31 -12.04 25.12
N ASP B 260 -35.04 -11.92 25.50
CA ASP B 260 -34.67 -11.50 26.88
C ASP B 260 -34.09 -10.08 26.88
N LEU B 261 -34.48 -9.24 25.93
CA LEU B 261 -33.90 -7.88 25.80
C LEU B 261 -34.31 -6.99 26.97
N THR B 262 -35.45 -7.25 27.59
CA THR B 262 -35.90 -6.44 28.74
C THR B 262 -34.92 -6.67 29.89
N THR B 263 -34.43 -7.90 30.04
CA THR B 263 -33.43 -8.20 31.08
C THR B 263 -32.14 -7.44 30.78
N LEU B 264 -31.67 -7.49 29.54
CA LEU B 264 -30.46 -6.73 29.13
C LEU B 264 -30.64 -5.25 29.45
N ARG B 265 -31.79 -4.67 29.11
CA ARG B 265 -31.99 -3.22 29.34
C ARG B 265 -31.92 -2.95 30.85
N ASN B 266 -32.62 -3.73 31.67
CA ASN B 266 -32.65 -3.44 33.12
C ASN B 266 -31.24 -3.58 33.70
N LYS B 267 -30.53 -4.65 33.35
CA LYS B 267 -29.17 -4.89 33.91
C LYS B 267 -28.16 -3.92 33.29
N HIS B 268 -28.29 -3.63 32.01
CA HIS B 268 -27.32 -2.75 31.31
C HIS B 268 -28.06 -1.64 30.57
N PRO B 269 -28.57 -0.57 31.23
CA PRO B 269 -29.36 0.46 30.53
C PRO B 269 -28.59 1.30 29.51
N GLU B 270 -27.28 1.49 29.73
CA GLU B 270 -26.46 2.34 28.84
C GLU B 270 -26.31 1.70 27.47
N LEU B 271 -26.60 0.42 27.35
CA LEU B 271 -26.54 -0.26 26.04
C LEU B 271 -27.66 0.26 25.14
N PHE B 272 -28.69 0.88 25.72
CA PHE B 272 -29.85 1.37 24.93
C PHE B 272 -30.05 2.86 25.23
N LEU B 273 -28.96 3.57 25.55
CA LEU B 273 -29.02 5.02 25.87
C LEU B 273 -28.50 5.81 24.67
N ALA B 274 -29.09 6.97 24.41
CA ALA B 274 -28.62 7.85 23.32
C ALA B 274 -28.11 9.17 23.87
N GLU B 275 -27.51 10.00 23.03
CA GLU B 275 -27.05 11.34 23.47
C GLU B 275 -27.63 12.41 22.55
N CYS B 276 -28.41 13.33 23.12
CA CYS B 276 -28.92 14.48 22.34
C CYS B 276 -27.78 15.48 22.22
N LYS B 277 -27.43 15.83 21.00
CA LYS B 277 -26.27 16.72 20.77
C LYS B 277 -26.66 17.93 19.93
N ASN B 278 -25.94 19.03 20.10
CA ASN B 278 -26.17 20.26 19.31
C ASN B 278 -25.38 20.16 18.00
N LYS B 279 -26.04 20.36 16.87
CA LYS B 279 -25.36 20.24 15.56
C LYS B 279 -24.57 21.48 15.20
N THR B 280 -23.26 21.33 14.98
CA THR B 280 -22.44 22.45 14.48
C THR B 280 -22.86 22.65 13.02
N ASP B 281 -23.32 23.83 12.65
CA ASP B 281 -23.82 24.03 11.28
C ASP B 281 -23.67 25.48 10.86
N ARG B 282 -23.93 25.76 9.59
CA ARG B 282 -23.96 27.16 9.14
C ARG B 282 -25.29 27.74 9.65
N TYR B 283 -25.21 28.67 10.58
CA TYR B 283 -26.44 29.24 11.19
C TYR B 283 -26.48 30.74 10.94
N GLU B 284 -27.68 31.26 10.70
CA GLU B 284 -27.84 32.73 10.55
C GLU B 284 -27.57 33.40 11.90
N VAL B 285 -26.72 34.41 11.91
CA VAL B 285 -26.30 35.09 13.17
C VAL B 285 -27.50 35.74 13.88
N GLU B 286 -28.43 36.32 13.15
CA GLU B 286 -29.63 36.98 13.72
C GLU B 286 -30.49 35.98 14.51
N SER B 287 -30.53 34.71 14.10
CA SER B 287 -31.44 33.72 14.74
C SER B 287 -30.70 32.70 15.60
N LEU B 288 -29.45 32.98 15.99
CA LEU B 288 -28.64 31.98 16.75
C LEU B 288 -29.35 31.58 18.04
N GLY B 289 -29.96 32.53 18.75
CA GLY B 289 -30.64 32.21 20.01
C GLY B 289 -31.94 31.47 19.82
N GLU B 290 -32.45 31.40 18.59
CA GLU B 290 -33.75 30.75 18.35
C GLU B 290 -33.56 29.37 17.72
N LYS B 291 -32.45 29.15 17.01
CA LYS B 291 -32.34 27.87 16.26
C LYS B 291 -30.98 27.18 16.34
N THR B 292 -30.90 26.07 17.04
CA THR B 292 -29.67 25.22 17.05
C THR B 292 -30.22 23.80 16.89
N ARG B 293 -29.90 23.11 15.81
CA ARG B 293 -30.53 21.80 15.50
C ARG B 293 -30.09 20.64 16.40
N PRO B 294 -31.03 19.92 17.08
CA PRO B 294 -30.67 18.77 17.87
C PRO B 294 -30.59 17.47 17.06
N TYR B 295 -29.64 16.61 17.42
CA TYR B 295 -29.55 15.27 16.79
C TYR B 295 -29.27 14.24 17.88
N PHE B 296 -29.51 12.98 17.58
CA PHE B 296 -29.33 11.92 18.59
C PHE B 296 -28.26 10.93 18.15
N SER B 297 -27.29 10.67 19.03
CA SER B 297 -26.18 9.72 18.77
C SER B 297 -26.49 8.38 19.45
N HIS B 298 -26.79 7.37 18.66
CA HIS B 298 -27.22 6.07 19.23
C HIS B 298 -26.04 5.14 19.48
N PRO B 299 -26.18 4.05 20.29
CA PRO B 299 -25.10 3.07 20.45
C PRO B 299 -24.70 2.38 19.13
N PHE B 300 -23.42 2.11 18.96
CA PHE B 300 -22.88 1.49 17.73
C PHE B 300 -23.52 0.12 17.47
N HIS B 301 -23.68 -0.70 18.49
CA HIS B 301 -24.22 -2.07 18.26
C HIS B 301 -25.61 -1.98 17.64
N LEU B 302 -26.43 -1.07 18.14
CA LEU B 302 -27.81 -0.91 17.64
C LEU B 302 -27.77 -0.32 16.22
N SER B 303 -27.00 0.74 16.01
CA SER B 303 -26.89 1.40 14.69
C SER B 303 -26.39 0.41 13.64
N ALA B 304 -25.35 -0.35 13.94
CA ALA B 304 -24.74 -1.28 12.96
C ALA B 304 -25.75 -2.35 12.52
N LEU B 305 -26.48 -2.93 13.46
CA LEU B 305 -27.47 -3.98 13.14
C LEU B 305 -28.51 -3.43 12.17
N VAL B 306 -29.06 -2.26 12.47
CA VAL B 306 -30.12 -1.64 11.63
C VAL B 306 -29.53 -1.17 10.30
N SER B 307 -28.26 -0.73 10.30
CA SER B 307 -27.57 -0.31 9.07
C SER B 307 -27.48 -1.46 8.07
N VAL B 308 -27.49 -2.71 8.52
CA VAL B 308 -27.51 -3.84 7.53
C VAL B 308 -28.76 -3.69 6.66
N LEU B 309 -29.92 -3.50 7.29
CA LEU B 309 -31.18 -3.34 6.52
C LEU B 309 -31.19 -2.02 5.75
N SER B 310 -30.86 -0.91 6.41
CA SER B 310 -30.97 0.43 5.77
C SER B 310 -30.03 0.59 4.58
N GLN B 311 -28.76 0.22 4.74
CA GLN B 311 -27.77 0.41 3.65
C GLN B 311 -28.11 -0.53 2.49
N SER B 312 -28.63 -1.73 2.78
CA SER B 312 -29.09 -2.63 1.69
C SER B 312 -30.25 -2.00 0.92
N PHE B 313 -31.25 -1.50 1.63
CA PHE B 313 -32.44 -0.93 0.98
C PHE B 313 -32.08 0.30 0.14
N SER B 314 -31.23 1.17 0.67
CA SER B 314 -30.80 2.39 -0.07
C SER B 314 -30.10 1.96 -1.37
N GLY B 315 -29.36 0.87 -1.36
CA GLY B 315 -28.73 0.35 -2.58
C GLY B 315 -29.75 -0.08 -3.61
N ALA B 316 -30.88 -0.64 -3.17
CA ALA B 316 -31.87 -1.17 -4.12
C ALA B 316 -32.87 -0.08 -4.52
N LEU B 317 -32.95 1.02 -3.78
CA LEU B 317 -33.96 2.07 -4.03
C LEU B 317 -33.80 2.75 -5.38
N LYS B 318 -34.90 2.88 -6.11
CA LYS B 318 -34.86 3.60 -7.39
C LYS B 318 -35.08 5.09 -7.15
N ILE B 319 -34.81 5.89 -8.16
CA ILE B 319 -35.09 7.34 -8.06
C ILE B 319 -36.15 7.70 -9.10
N MET B 320 -36.69 8.91 -9.03
CA MET B 320 -37.80 9.34 -9.93
C MET B 320 -37.42 9.28 -11.41
N THR B 321 -36.15 9.50 -11.74
CA THR B 321 -35.70 9.52 -13.15
C THR B 321 -35.72 8.09 -13.68
N GLU B 322 -35.57 7.08 -12.82
CA GLU B 322 -35.54 5.68 -13.27
C GLU B 322 -36.96 5.10 -13.32
N ASP B 323 -37.85 5.54 -12.41
CA ASP B 323 -39.25 5.04 -12.38
C ASP B 323 -40.23 6.22 -12.31
N SER B 324 -41.17 6.29 -13.25
CA SER B 324 -42.19 7.37 -13.27
C SER B 324 -43.06 7.38 -12.00
N THR B 325 -43.23 6.25 -11.34
CA THR B 325 -44.09 6.18 -10.12
C THR B 325 -43.33 6.69 -8.90
N SER B 326 -42.01 6.66 -8.93
CA SER B 326 -41.21 7.02 -7.73
C SER B 326 -41.32 8.49 -7.36
N PHE B 327 -41.52 8.75 -6.08
CA PHE B 327 -41.49 10.13 -5.55
C PHE B 327 -40.13 10.31 -4.88
N ASN B 328 -39.15 9.45 -5.18
CA ASN B 328 -37.86 9.44 -4.44
C ASN B 328 -36.69 10.12 -5.16
N ALA B 329 -36.12 11.16 -4.56
CA ALA B 329 -34.90 11.78 -5.11
C ALA B 329 -33.71 11.44 -4.23
N TYR B 330 -33.90 10.57 -3.23
CA TYR B 330 -32.80 10.09 -2.38
C TYR B 330 -31.94 9.19 -3.27
N GLY B 331 -30.76 9.63 -3.66
CA GLY B 331 -29.94 8.87 -4.61
C GLY B 331 -29.68 9.64 -5.89
N PHE B 332 -30.33 10.77 -6.08
CA PHE B 332 -30.15 11.58 -7.31
C PHE B 332 -28.76 12.21 -7.40
N SER B 333 -28.20 12.22 -8.62
CA SER B 333 -26.91 12.89 -8.87
C SER B 333 -27.09 13.93 -9.96
N TRP B 334 -26.54 15.13 -9.77
CA TRP B 334 -26.58 16.16 -10.85
C TRP B 334 -25.61 15.79 -11.97
N THR B 335 -24.60 14.98 -11.69
CA THR B 335 -23.54 14.64 -12.68
C THR B 335 -23.98 13.56 -13.67
N ASN B 336 -23.21 13.39 -14.75
CA ASN B 336 -23.48 12.34 -15.76
C ASN B 336 -24.89 12.49 -16.35
N GLY B 337 -25.31 13.72 -16.60
CA GLY B 337 -26.62 13.95 -17.24
C GLY B 337 -27.79 14.02 -16.28
N GLY B 338 -27.55 13.89 -14.98
CA GLY B 338 -28.61 13.97 -13.96
C GLY B 338 -29.39 15.27 -14.00
N ALA B 339 -28.70 16.38 -14.21
CA ALA B 339 -29.38 17.69 -14.28
C ALA B 339 -30.38 17.69 -15.43
N GLU B 340 -29.99 17.17 -16.59
CA GLU B 340 -30.89 17.11 -17.77
C GLU B 340 -31.98 16.07 -17.51
N ASP B 341 -31.64 14.98 -16.83
CA ASP B 341 -32.63 13.92 -16.49
C ASP B 341 -33.76 14.53 -15.66
N LEU B 342 -33.43 15.45 -14.76
CA LEU B 342 -34.45 16.13 -13.93
C LEU B 342 -35.41 16.90 -14.84
N ALA B 343 -34.88 17.61 -15.82
CA ALA B 343 -35.72 18.38 -16.77
C ALA B 343 -36.58 17.45 -17.63
N ILE B 344 -36.01 16.38 -18.18
CA ILE B 344 -36.76 15.40 -19.01
C ILE B 344 -37.89 14.80 -18.16
N TRP B 345 -37.58 14.43 -16.92
CA TRP B 345 -38.60 13.89 -16.00
C TRP B 345 -39.67 14.94 -15.74
N ALA B 346 -39.30 16.20 -15.55
CA ALA B 346 -40.28 17.25 -15.18
C ALA B 346 -41.24 17.58 -16.30
N ARG B 347 -40.77 17.54 -17.55
CA ARG B 347 -41.60 17.96 -18.70
C ARG B 347 -42.74 16.96 -18.93
N GLN B 348 -42.55 15.72 -18.49
CA GLN B 348 -43.60 14.71 -18.68
C GLN B 348 -44.72 14.94 -17.65
N ALA B 349 -44.66 16.05 -16.92
CA ALA B 349 -45.76 16.41 -15.99
C ALA B 349 -47.01 16.72 -16.79
N GLY B 350 -48.18 16.60 -16.16
CA GLY B 350 -49.43 16.79 -16.90
C GLY B 350 -50.34 17.86 -16.33
N GLU B 351 -51.43 18.11 -17.04
CA GLU B 351 -52.42 19.13 -16.61
C GLU B 351 -52.99 18.78 -15.24
N ALA B 352 -53.00 19.76 -14.35
CA ALA B 352 -53.55 19.54 -12.98
C ALA B 352 -55.03 19.14 -13.05
N GLY B 353 -55.39 18.06 -12.38
CA GLY B 353 -56.77 17.56 -12.41
C GLY B 353 -56.98 16.46 -13.43
N LYS B 354 -56.18 16.42 -14.48
CA LYS B 354 -56.43 15.45 -15.57
C LYS B 354 -55.29 14.43 -15.63
N LYS B 355 -54.04 14.89 -15.53
CA LYS B 355 -52.88 13.98 -15.67
C LYS B 355 -51.93 14.18 -14.49
N PRO B 356 -51.09 13.18 -14.09
CA PRO B 356 -50.27 13.32 -12.89
C PRO B 356 -49.16 14.38 -12.87
N PRO B 357 -48.90 15.05 -11.72
CA PRO B 357 -47.77 15.97 -11.64
C PRO B 357 -46.46 15.21 -11.54
N ARG B 358 -45.35 15.93 -11.54
CA ARG B 358 -44.04 15.27 -11.32
C ARG B 358 -43.52 15.73 -9.96
N ILE B 359 -43.51 14.82 -8.98
CA ILE B 359 -43.08 15.16 -7.60
C ILE B 359 -41.90 14.28 -7.18
N ALA B 360 -40.83 14.91 -6.73
CA ALA B 360 -39.66 14.17 -6.21
C ALA B 360 -39.27 14.74 -4.85
N CYS B 361 -38.97 13.87 -3.89
CA CYS B 361 -38.73 14.33 -2.51
C CYS B 361 -37.37 13.85 -1.99
N TYR B 362 -36.64 14.72 -1.32
CA TYR B 362 -35.39 14.35 -0.61
C TYR B 362 -35.57 14.95 0.78
N GLY B 363 -36.02 14.13 1.71
CA GLY B 363 -36.29 14.62 3.08
C GLY B 363 -37.35 15.70 3.07
N ASP B 364 -36.96 16.92 3.43
CA ASP B 364 -37.91 18.06 3.52
C ASP B 364 -37.94 18.87 2.23
N ASP B 365 -37.10 18.51 1.25
CA ASP B 365 -36.99 19.30 0.00
C ASP B 365 -37.76 18.60 -1.11
N THR B 366 -38.63 19.34 -1.77
CA THR B 366 -39.48 18.74 -2.83
C THR B 366 -39.45 19.56 -4.11
N ASP B 367 -39.42 18.88 -5.26
CA ASP B 367 -39.55 19.56 -6.56
C ASP B 367 -40.90 19.15 -7.14
N ILE B 368 -41.77 20.11 -7.42
CA ILE B 368 -43.14 19.82 -7.90
C ILE B 368 -43.33 20.44 -9.28
N TYR B 369 -43.84 19.65 -10.23
CA TYR B 369 -44.12 20.16 -11.58
C TYR B 369 -45.56 19.84 -11.99
N TYR B 370 -46.29 20.84 -12.45
CA TYR B 370 -47.67 20.63 -12.93
C TYR B 370 -47.88 21.49 -14.17
N ARG B 371 -48.90 21.15 -14.96
CA ARG B 371 -49.22 22.00 -16.14
C ARG B 371 -50.57 22.69 -15.95
N LYS B 372 -50.64 23.97 -16.26
CA LYS B 372 -51.91 24.71 -16.22
C LYS B 372 -52.06 25.33 -17.61
N ASP B 373 -53.11 24.96 -18.35
CA ASP B 373 -53.36 25.44 -19.74
C ASP B 373 -52.22 24.99 -20.63
N GLY B 374 -51.60 23.86 -20.31
CA GLY B 374 -50.48 23.33 -21.11
C GLY B 374 -49.15 23.93 -20.73
N LYS B 375 -49.11 24.91 -19.84
CA LYS B 375 -47.84 25.58 -19.46
C LYS B 375 -47.25 24.95 -18.20
N LEU B 376 -45.95 24.62 -18.23
CA LEU B 376 -45.28 23.96 -17.08
C LEU B 376 -45.00 24.96 -15.96
N TYR B 377 -45.33 24.57 -14.73
CA TYR B 377 -45.09 25.42 -13.55
C TYR B 377 -44.28 24.60 -12.55
N ARG B 378 -43.52 25.27 -11.69
CA ARG B 378 -42.65 24.56 -10.73
C ARG B 378 -42.81 25.14 -9.33
N ILE B 379 -42.95 24.26 -8.35
CA ILE B 379 -42.98 24.69 -6.94
C ILE B 379 -41.82 23.96 -6.24
N CYS B 380 -41.09 24.66 -5.38
CA CYS B 380 -39.96 24.04 -4.66
C CYS B 380 -40.19 24.27 -3.16
N PRO B 381 -41.17 23.61 -2.51
CA PRO B 381 -41.46 23.91 -1.12
C PRO B 381 -40.55 23.19 -0.12
N ASP B 382 -40.48 23.73 1.08
CA ASP B 382 -39.72 23.07 2.17
C ASP B 382 -40.62 22.98 3.39
N PHE B 383 -40.33 22.05 4.29
CA PHE B 383 -41.08 21.98 5.56
C PHE B 383 -40.17 22.47 6.69
N LYS B 384 -40.74 22.79 7.85
CA LYS B 384 -39.96 23.29 9.01
C LYS B 384 -39.91 22.25 10.12
N GLN B 385 -38.71 21.91 10.60
CA GLN B 385 -38.53 20.87 11.65
C GLN B 385 -39.40 19.66 11.28
N MET B 386 -39.20 19.14 10.07
CA MET B 386 -40.03 18.02 9.55
C MET B 386 -39.97 16.80 10.47
N ASP B 387 -38.86 16.57 11.17
CA ASP B 387 -38.70 15.38 12.04
C ASP B 387 -39.79 15.32 13.12
N GLY B 388 -40.12 16.45 13.74
CA GLY B 388 -41.19 16.51 14.76
C GLY B 388 -42.51 16.09 14.18
N SER B 389 -42.74 16.38 12.91
CA SER B 389 -44.02 16.05 12.24
C SER B 389 -44.05 14.58 11.81
N VAL B 390 -42.94 13.86 11.86
CA VAL B 390 -42.97 12.47 11.35
C VAL B 390 -43.74 11.59 12.34
N ASP B 391 -44.91 11.11 11.93
CA ASP B 391 -45.79 10.30 12.81
C ASP B 391 -45.26 8.88 13.01
N ALA B 392 -45.67 8.25 14.09
CA ALA B 392 -45.20 6.88 14.41
C ALA B 392 -45.71 5.85 13.41
N THR B 393 -46.87 6.09 12.81
CA THR B 393 -47.44 5.14 11.82
C THR B 393 -46.51 5.09 10.60
N THR B 394 -46.02 6.24 10.15
CA THR B 394 -45.08 6.29 9.02
C THR B 394 -43.80 5.56 9.42
N ILE B 395 -43.27 5.80 10.62
CA ILE B 395 -41.99 5.16 11.03
C ILE B 395 -42.17 3.64 11.03
N GLU B 396 -43.24 3.15 11.65
CA GLU B 396 -43.47 1.69 11.73
C GLU B 396 -43.65 1.13 10.32
N ALA B 397 -44.34 1.86 9.45
CA ALA B 397 -44.62 1.36 8.10
C ALA B 397 -43.31 1.30 7.29
N VAL B 398 -42.46 2.31 7.42
CA VAL B 398 -41.18 2.34 6.65
C VAL B 398 -40.35 1.13 7.12
N VAL B 399 -40.28 0.92 8.42
CA VAL B 399 -39.50 -0.22 8.98
C VAL B 399 -40.11 -1.52 8.45
N ASP B 400 -41.43 -1.66 8.52
CA ASP B 400 -42.12 -2.87 8.01
C ASP B 400 -41.79 -3.05 6.53
N TYR B 401 -41.88 -2.00 5.73
CA TYR B 401 -41.55 -2.07 4.29
C TYR B 401 -40.12 -2.60 4.08
N VAL B 402 -39.14 -2.02 4.77
CA VAL B 402 -37.71 -2.44 4.59
C VAL B 402 -37.54 -3.87 5.11
N VAL B 403 -38.03 -4.16 6.31
CA VAL B 403 -37.89 -5.53 6.89
C VAL B 403 -38.59 -6.52 5.94
N ASP B 404 -39.81 -6.22 5.52
CA ASP B 404 -40.59 -7.18 4.68
C ASP B 404 -39.89 -7.40 3.34
N ALA B 405 -39.36 -6.34 2.74
CA ALA B 405 -38.62 -6.49 1.48
C ALA B 405 -37.54 -7.55 1.64
N HIS B 406 -36.81 -7.50 2.74
CA HIS B 406 -35.70 -8.46 2.97
C HIS B 406 -36.24 -9.86 3.22
N VAL B 407 -37.25 -10.00 4.09
CA VAL B 407 -37.76 -11.35 4.46
C VAL B 407 -38.52 -11.97 3.28
N LYS B 408 -39.06 -11.19 2.36
CA LYS B 408 -39.68 -11.80 1.17
C LYS B 408 -38.58 -12.48 0.34
N GLN B 409 -37.53 -11.74 0.00
CA GLN B 409 -36.45 -12.28 -0.87
C GLN B 409 -35.66 -13.33 -0.09
N TYR B 410 -35.60 -13.20 1.24
CA TYR B 410 -34.78 -14.11 2.07
C TYR B 410 -35.63 -14.61 3.25
N PRO B 411 -36.58 -15.59 3.08
CA PRO B 411 -37.51 -15.98 4.16
C PRO B 411 -36.92 -16.74 5.34
N THR B 412 -35.69 -17.23 5.23
CA THR B 412 -35.08 -18.05 6.32
C THR B 412 -34.78 -17.20 7.54
N ALA B 413 -34.64 -15.88 7.41
CA ALA B 413 -34.23 -15.05 8.56
C ALA B 413 -35.34 -14.09 9.01
N ARG B 414 -36.60 -14.46 8.83
CA ARG B 414 -37.72 -13.55 9.14
C ARG B 414 -37.72 -13.10 10.60
N GLN B 415 -37.66 -14.03 11.54
CA GLN B 415 -37.83 -13.65 12.97
C GLN B 415 -36.73 -12.71 13.48
N PHE B 416 -35.46 -12.99 13.21
CA PHE B 416 -34.38 -12.16 13.79
C PHE B 416 -34.56 -10.71 13.32
N TRP B 417 -34.71 -10.52 12.02
CA TRP B 417 -34.77 -9.16 11.47
C TRP B 417 -36.07 -8.45 11.87
N GLU B 418 -37.16 -9.20 12.06
CA GLU B 418 -38.40 -8.56 12.58
C GLU B 418 -38.13 -8.03 13.97
N GLU B 419 -37.35 -8.75 14.78
CA GLU B 419 -36.97 -8.25 16.12
C GLU B 419 -36.07 -7.03 16.00
N VAL B 420 -35.20 -7.01 15.00
CA VAL B 420 -34.31 -5.82 14.75
C VAL B 420 -35.20 -4.63 14.40
N GLY B 421 -36.30 -4.88 13.67
CA GLY B 421 -37.24 -3.83 13.32
C GLY B 421 -37.87 -3.19 14.54
N LYS B 422 -38.15 -3.97 15.56
CA LYS B 422 -38.73 -3.41 16.81
C LYS B 422 -37.69 -2.52 17.49
N LEU B 423 -36.42 -2.93 17.47
CA LEU B 423 -35.35 -2.08 18.05
C LEU B 423 -35.24 -0.79 17.22
N TRP B 424 -35.41 -0.88 15.91
CA TRP B 424 -35.36 0.29 15.01
C TRP B 424 -36.46 1.28 15.38
N VAL B 425 -37.70 0.79 15.53
CA VAL B 425 -38.84 1.70 15.84
C VAL B 425 -38.56 2.40 17.17
N GLU B 426 -38.04 1.68 18.15
CA GLU B 426 -37.77 2.27 19.49
C GLU B 426 -36.69 3.34 19.40
N MET B 427 -35.62 3.09 18.66
CA MET B 427 -34.51 4.08 18.53
C MET B 427 -35.03 5.32 17.81
N ALA B 428 -35.92 5.13 16.83
CA ALA B 428 -36.46 6.25 16.05
C ALA B 428 -37.46 7.06 16.87
N THR B 429 -38.06 6.48 17.92
CA THR B 429 -39.16 7.19 18.62
C THR B 429 -38.98 7.30 20.14
N GLN B 430 -38.61 6.24 20.84
CA GLN B 430 -38.62 6.29 22.31
C GLN B 430 -37.26 5.97 22.94
N SER B 431 -36.15 6.20 22.25
CA SER B 431 -34.85 5.93 22.90
C SER B 431 -34.62 6.87 24.07
N PRO B 432 -34.25 6.36 25.29
CA PRO B 432 -33.86 7.24 26.37
C PRO B 432 -32.58 7.96 25.95
N PHE B 433 -32.40 9.20 26.42
CA PHE B 433 -31.25 10.00 25.97
C PHE B 433 -30.75 10.99 27.01
N LEU B 434 -29.44 11.25 27.03
CA LEU B 434 -28.86 12.28 27.92
C LEU B 434 -28.72 13.59 27.16
N ILE B 435 -28.89 14.73 27.81
CA ILE B 435 -28.65 16.02 27.13
C ILE B 435 -27.40 16.61 27.75
N ASP B 436 -27.46 17.02 29.02
CA ASP B 436 -26.30 17.58 29.73
C ASP B 436 -26.40 17.13 31.19
N GLY B 437 -25.35 16.48 31.69
CA GLY B 437 -25.40 15.93 33.05
C GLY B 437 -25.87 14.50 33.13
N THR B 438 -26.44 14.11 34.26
CA THR B 438 -26.82 12.70 34.50
C THR B 438 -28.28 12.38 34.18
N LYS B 439 -29.15 13.35 34.03
CA LYS B 439 -30.59 13.08 33.82
C LYS B 439 -30.82 12.44 32.46
N VAL B 440 -31.57 11.36 32.48
CA VAL B 440 -31.94 10.68 31.22
C VAL B 440 -33.35 11.17 30.92
N TYR B 441 -33.62 11.46 29.66
CA TYR B 441 -34.95 11.96 29.27
C TYR B 441 -35.53 11.05 28.18
N ARG B 442 -36.83 11.14 27.97
CA ARG B 442 -37.46 10.39 26.87
C ARG B 442 -38.57 11.28 26.29
N LYS B 443 -38.81 11.19 24.99
CA LYS B 443 -39.93 11.92 24.38
C LYS B 443 -41.22 11.34 24.94
N MET B 444 -42.11 12.20 25.41
CA MET B 444 -43.40 11.76 26.01
C MET B 444 -44.26 11.09 24.95
N GLN B 445 -44.15 11.49 23.70
CA GLN B 445 -45.01 10.91 22.63
C GLN B 445 -44.20 10.05 21.67
N LYS B 446 -44.81 8.98 21.16
CA LYS B 446 -44.13 8.11 20.17
C LYS B 446 -43.94 8.90 18.87
N ASP B 447 -44.87 9.80 18.59
CA ASP B 447 -44.75 10.66 17.40
C ASP B 447 -43.49 11.52 17.47
N GLY B 448 -42.85 11.78 16.34
CA GLY B 448 -41.59 12.54 16.34
C GLY B 448 -40.38 11.67 16.05
N LEU B 449 -39.74 11.90 14.91
CA LEU B 449 -38.53 11.13 14.54
C LEU B 449 -37.38 11.64 15.39
N MET B 450 -36.64 10.72 15.98
CA MET B 450 -35.43 11.13 16.71
C MET B 450 -34.29 11.18 15.68
N THR B 451 -34.06 12.35 15.08
CA THR B 451 -33.00 12.55 14.06
C THR B 451 -31.68 11.93 14.52
N GLY B 452 -31.00 11.18 13.66
CA GLY B 452 -29.75 10.51 14.07
C GLY B 452 -29.92 9.01 14.04
N VAL B 453 -31.15 8.53 14.16
CA VAL B 453 -31.39 7.07 14.00
C VAL B 453 -31.02 6.70 12.57
N VAL B 454 -30.58 5.47 12.36
CA VAL B 454 -30.37 5.00 10.97
C VAL B 454 -31.72 5.12 10.24
N GLY B 455 -31.70 5.61 9.01
CA GLY B 455 -32.92 5.75 8.22
C GLY B 455 -33.55 7.12 8.35
N THR B 456 -32.92 8.05 9.07
CA THR B 456 -33.49 9.41 9.31
C THR B 456 -33.99 10.02 7.99
N THR B 457 -33.12 10.09 6.98
CA THR B 457 -33.47 10.75 5.69
C THR B 457 -34.65 10.02 5.01
N LEU B 458 -34.65 8.68 5.01
CA LEU B 458 -35.73 7.88 4.37
C LEU B 458 -37.07 8.13 5.08
N PHE B 459 -37.07 8.15 6.40
CA PHE B 459 -38.31 8.43 7.18
C PHE B 459 -38.88 9.78 6.76
N ASP B 460 -38.03 10.81 6.68
CA ASP B 460 -38.45 12.18 6.29
C ASP B 460 -38.95 12.17 4.85
N THR B 461 -38.24 11.47 3.96
CA THR B 461 -38.62 11.44 2.53
C THR B 461 -40.01 10.78 2.39
N VAL B 462 -40.24 9.70 3.12
CA VAL B 462 -41.54 8.97 2.99
C VAL B 462 -42.68 9.86 3.49
N LYS B 463 -42.51 10.48 4.65
CA LYS B 463 -43.54 11.39 5.21
C LYS B 463 -43.88 12.48 4.19
N SER B 464 -42.86 13.11 3.62
CA SER B 464 -43.08 14.15 2.59
C SER B 464 -43.84 13.55 1.41
N ALA B 465 -43.39 12.40 0.91
CA ALA B 465 -44.02 11.79 -0.29
C ALA B 465 -45.47 11.39 -0.02
N LEU B 466 -45.77 10.86 1.17
CA LEU B 466 -47.16 10.49 1.54
C LEU B 466 -48.05 11.72 1.50
N ALA B 467 -47.58 12.86 2.01
CA ALA B 467 -48.38 14.09 1.97
C ALA B 467 -48.57 14.57 0.54
N TYR B 468 -47.51 14.59 -0.26
CA TYR B 468 -47.59 15.09 -1.65
C TYR B 468 -48.38 14.11 -2.53
N ASN B 469 -48.38 12.81 -2.20
CA ASN B 469 -49.21 11.84 -2.95
C ASN B 469 -50.69 12.16 -2.67
N ASP B 470 -51.03 12.43 -1.43
CA ASP B 470 -52.42 12.80 -1.08
C ASP B 470 -52.78 14.12 -1.76
N TRP B 471 -51.86 15.08 -1.79
CA TRP B 471 -52.09 16.40 -2.42
C TRP B 471 -52.41 16.22 -3.91
N ALA B 472 -51.64 15.38 -4.60
CA ALA B 472 -51.88 15.09 -6.02
C ALA B 472 -53.22 14.36 -6.20
N ASP B 473 -53.57 13.46 -5.30
CA ASP B 473 -54.88 12.77 -5.38
C ASP B 473 -56.01 13.78 -5.23
N GLN B 474 -55.79 14.79 -4.39
CA GLN B 474 -56.84 15.83 -4.19
C GLN B 474 -56.99 16.65 -5.47
N LEU B 475 -55.91 16.88 -6.22
CA LEU B 475 -55.99 17.66 -7.48
C LEU B 475 -56.75 16.84 -8.52
N MET B 476 -56.49 15.53 -8.60
CA MET B 476 -57.21 14.63 -9.53
C MET B 476 -58.69 14.64 -9.18
N PHE B 477 -59.03 14.91 -7.91
CA PHE B 477 -60.44 15.03 -7.45
C PHE B 477 -60.98 16.43 -7.80
N GLY B 478 -60.14 17.33 -8.31
CA GLY B 478 -60.65 18.63 -8.77
C GLY B 478 -60.45 19.76 -7.78
N SER B 479 -59.75 19.49 -6.68
CA SER B 479 -59.44 20.55 -5.70
C SER B 479 -58.22 21.34 -6.19
N LEU B 480 -58.36 22.06 -7.30
CA LEU B 480 -57.22 22.76 -7.96
C LEU B 480 -56.80 24.00 -7.15
N ASN B 481 -57.60 24.45 -6.18
CA ASN B 481 -57.21 25.58 -5.30
C ASN B 481 -55.98 25.21 -4.48
N LEU B 482 -55.64 23.92 -4.41
CA LEU B 482 -54.49 23.43 -3.61
C LEU B 482 -53.18 23.82 -4.30
N LEU B 483 -53.23 24.23 -5.56
CA LEU B 483 -52.01 24.73 -6.24
C LEU B 483 -51.67 26.07 -5.60
N GLU B 484 -52.62 26.73 -4.97
CA GLU B 484 -52.42 28.08 -4.39
C GLU B 484 -51.85 27.99 -2.98
N GLU B 485 -51.00 28.95 -2.61
CA GLU B 485 -50.29 28.97 -1.30
C GLU B 485 -51.18 28.80 -0.08
N LYS B 486 -52.16 29.68 0.12
CA LYS B 486 -53.00 29.65 1.34
C LYS B 486 -53.59 28.25 1.53
N TYR B 487 -54.21 27.70 0.49
CA TYR B 487 -54.90 26.39 0.62
C TYR B 487 -53.87 25.27 0.83
N ALA B 488 -52.75 25.33 0.13
CA ALA B 488 -51.70 24.28 0.26
C ALA B 488 -51.16 24.28 1.68
N ILE B 489 -50.82 25.45 2.22
CA ILE B 489 -50.29 25.53 3.60
C ILE B 489 -51.30 24.88 4.53
N GLU B 490 -52.58 25.23 4.37
CA GLU B 490 -53.65 24.70 5.24
C GLU B 490 -53.75 23.18 5.07
N PHE B 491 -53.68 22.68 3.85
CA PHE B 491 -53.77 21.23 3.59
C PHE B 491 -52.67 20.49 4.34
N PHE B 492 -51.43 20.91 4.19
CA PHE B 492 -50.30 20.15 4.80
C PHE B 492 -50.39 20.22 6.32
N LYS B 493 -50.81 21.34 6.90
CA LYS B 493 -50.96 21.43 8.37
C LYS B 493 -52.13 20.58 8.84
N ASN B 494 -53.34 20.79 8.33
CA ASN B 494 -54.51 20.07 8.88
C ASN B 494 -54.46 18.58 8.53
N LYS B 495 -54.22 18.24 7.27
CA LYS B 495 -54.28 16.82 6.86
C LYS B 495 -52.97 16.07 7.18
N HIS B 496 -51.81 16.71 7.27
CA HIS B 496 -50.55 15.92 7.44
C HIS B 496 -49.66 16.41 8.59
N GLY B 497 -50.05 17.47 9.29
CA GLY B 497 -49.26 17.99 10.43
C GLY B 497 -47.93 18.55 10.00
N LEU B 498 -47.82 18.98 8.75
CA LEU B 498 -46.54 19.47 8.21
C LEU B 498 -46.66 20.98 7.97
N VAL B 499 -45.66 21.74 8.42
CA VAL B 499 -45.66 23.22 8.30
C VAL B 499 -44.80 23.64 7.10
N ILE B 500 -45.43 24.24 6.09
CA ILE B 500 -44.69 24.74 4.90
C ILE B 500 -43.87 25.96 5.31
N LYS B 501 -42.57 25.94 5.02
CA LYS B 501 -41.68 27.07 5.34
C LYS B 501 -42.14 28.31 4.58
N GLU B 502 -42.06 29.48 5.21
CA GLU B 502 -42.59 30.71 4.57
C GLU B 502 -41.79 31.05 3.32
N GLY B 503 -42.48 31.43 2.25
CA GLY B 503 -41.82 31.82 0.99
C GLY B 503 -41.52 30.65 0.09
N THR B 504 -41.73 29.42 0.56
CA THR B 504 -41.35 28.24 -0.24
C THR B 504 -42.48 27.80 -1.17
N TRP B 505 -43.71 28.28 -1.00
CA TRP B 505 -44.81 27.92 -1.95
C TRP B 505 -45.02 29.07 -2.93
N LYS B 506 -44.16 29.14 -3.93
CA LYS B 506 -44.25 30.23 -4.92
C LYS B 506 -44.18 29.60 -6.31
N PRO B 507 -45.32 29.13 -6.90
CA PRO B 507 -45.29 28.55 -8.24
C PRO B 507 -44.63 29.44 -9.30
N ALA B 508 -43.82 28.85 -10.18
CA ALA B 508 -43.10 29.65 -11.18
C ALA B 508 -43.17 29.02 -12.57
N LEU B 509 -43.35 29.85 -13.59
CA LEU B 509 -43.37 29.37 -14.99
C LEU B 509 -41.99 28.83 -15.33
N VAL B 510 -41.95 27.65 -15.91
CA VAL B 510 -40.65 27.00 -16.20
C VAL B 510 -40.19 27.36 -17.60
N ASN B 511 -38.91 27.68 -17.76
CA ASN B 511 -38.34 27.83 -19.12
C ASN B 511 -38.10 26.40 -19.57
N GLU B 512 -39.05 25.78 -20.25
CA GLU B 512 -38.98 24.34 -20.60
C GLU B 512 -37.79 24.00 -21.51
N ASP B 513 -37.47 24.88 -22.45
CA ASP B 513 -36.29 24.66 -23.33
C ASP B 513 -35.37 25.86 -23.16
N PRO B 514 -34.50 25.90 -22.12
CA PRO B 514 -33.73 27.10 -21.88
C PRO B 514 -32.64 27.35 -22.93
N GLY B 515 -32.52 28.59 -23.36
CA GLY B 515 -31.42 28.94 -24.27
C GLY B 515 -30.10 28.94 -23.54
N PHE B 516 -29.04 29.18 -24.30
CA PHE B 516 -27.67 29.24 -23.72
C PHE B 516 -27.58 30.32 -22.64
N GLY B 517 -27.09 29.95 -21.46
CA GLY B 517 -26.90 30.89 -20.35
C GLY B 517 -28.18 31.20 -19.61
N GLU B 518 -29.22 30.39 -19.81
CA GLU B 518 -30.55 30.71 -19.19
C GLU B 518 -30.94 29.69 -18.14
N LEU B 519 -31.70 30.14 -17.15
CA LEU B 519 -32.12 29.27 -16.03
C LEU B 519 -33.44 28.55 -16.33
N TRP B 520 -33.61 27.34 -15.81
CA TRP B 520 -34.91 26.62 -15.88
C TRP B 520 -35.88 27.48 -15.09
N THR B 521 -35.62 27.67 -13.79
CA THR B 521 -36.36 28.67 -12.98
C THR B 521 -35.30 29.35 -12.10
N GLU B 522 -35.69 30.31 -11.27
CA GLU B 522 -34.74 30.92 -10.32
C GLU B 522 -34.78 30.15 -9.00
N GLN B 523 -35.60 29.11 -8.92
CA GLN B 523 -35.78 28.39 -7.65
C GLN B 523 -34.65 27.38 -7.44
N LYS B 524 -34.52 26.91 -6.21
CA LYS B 524 -33.46 25.94 -5.87
C LYS B 524 -34.05 24.61 -5.44
N PHE B 525 -33.52 23.52 -5.99
CA PHE B 525 -33.89 22.16 -5.51
C PHE B 525 -32.56 21.54 -5.08
N LEU B 526 -32.53 20.96 -3.90
CA LEU B 526 -31.27 20.40 -3.33
C LEU B 526 -30.23 21.52 -3.26
N GLY B 527 -30.66 22.74 -2.92
CA GLY B 527 -29.75 23.88 -2.72
C GLY B 527 -29.18 24.50 -3.98
N LEU B 528 -29.63 24.08 -5.17
CA LEU B 528 -29.00 24.57 -6.41
C LEU B 528 -30.02 24.90 -7.50
N GLN B 529 -29.76 25.95 -8.26
CA GLN B 529 -30.61 26.26 -9.43
C GLN B 529 -30.17 25.42 -10.62
N LEU B 530 -31.01 25.30 -11.65
CA LEU B 530 -30.67 24.55 -12.87
C LEU B 530 -30.50 25.54 -14.03
N LYS B 531 -29.44 25.37 -14.82
CA LYS B 531 -29.11 26.34 -15.89
C LYS B 531 -28.63 25.57 -17.12
N VAL B 532 -28.80 26.17 -18.29
CA VAL B 532 -28.26 25.56 -19.53
C VAL B 532 -27.01 26.34 -19.92
N VAL B 533 -25.93 25.63 -20.19
CA VAL B 533 -24.68 26.26 -20.71
C VAL B 533 -24.41 25.73 -22.12
N ARG B 534 -23.46 26.36 -22.80
CA ARG B 534 -23.23 26.01 -24.21
C ARG B 534 -21.92 25.29 -24.43
N ARG B 535 -21.96 24.14 -25.07
CA ARG B 535 -20.71 23.45 -25.48
C ARG B 535 -20.88 23.24 -26.99
N GLU B 536 -20.11 23.98 -27.80
CA GLU B 536 -20.27 23.96 -29.28
C GLU B 536 -21.67 24.49 -29.56
N ASN B 537 -22.55 23.69 -30.14
CA ASN B 537 -23.97 24.14 -30.32
C ASN B 537 -24.87 23.29 -29.43
N GLU B 538 -24.29 22.42 -28.62
CA GLU B 538 -25.09 21.56 -27.72
C GLU B 538 -25.42 22.29 -26.41
N LYS B 539 -26.43 21.80 -25.71
CA LYS B 539 -26.85 22.41 -24.44
C LYS B 539 -26.49 21.46 -23.30
N VAL B 540 -25.76 21.94 -22.31
CA VAL B 540 -25.43 21.11 -21.12
C VAL B 540 -26.16 21.68 -19.90
N TYR B 541 -26.92 20.85 -19.21
CA TYR B 541 -27.66 21.26 -18.00
C TYR B 541 -26.71 21.16 -16.82
N VAL B 542 -26.56 22.26 -16.10
CA VAL B 542 -25.57 22.32 -14.99
C VAL B 542 -26.16 23.01 -13.77
N PRO B 543 -25.68 22.71 -12.53
CA PRO B 543 -26.14 23.45 -11.37
C PRO B 543 -25.57 24.87 -11.31
N ASN B 544 -26.32 25.78 -10.70
CA ASN B 544 -25.91 27.20 -10.66
C ASN B 544 -26.41 27.88 -9.38
N LEU B 545 -25.69 28.88 -8.91
CA LEU B 545 -26.12 29.69 -7.75
C LEU B 545 -25.61 31.10 -7.97
N PRO B 546 -26.27 32.17 -7.44
CA PRO B 546 -25.68 33.51 -7.51
C PRO B 546 -24.36 33.58 -6.72
N PHE B 547 -23.54 34.58 -7.02
CA PHE B 547 -22.21 34.75 -6.38
C PHE B 547 -22.32 34.81 -4.85
N GLU B 548 -23.26 35.56 -4.32
CA GLU B 548 -23.43 35.72 -2.86
C GLU B 548 -23.53 34.34 -2.19
N ASP B 549 -24.22 33.40 -2.81
CA ASP B 549 -24.40 32.04 -2.23
C ASP B 549 -23.06 31.30 -2.21
N TRP B 550 -22.30 31.35 -3.30
CA TRP B 550 -20.95 30.74 -3.30
C TRP B 550 -20.03 31.44 -2.28
N LEU B 551 -20.14 32.76 -2.16
CA LEU B 551 -19.29 33.52 -1.22
C LEU B 551 -19.62 33.15 0.22
N THR B 552 -20.89 32.96 0.55
CA THR B 552 -21.29 32.50 1.90
C THR B 552 -20.61 31.17 2.21
N MET B 553 -20.69 30.22 1.29
CA MET B 553 -20.10 28.89 1.50
C MET B 553 -18.57 29.00 1.66
N TRP B 554 -17.92 29.78 0.81
CA TRP B 554 -16.45 30.00 0.89
C TRP B 554 -16.06 30.54 2.27
N VAL B 555 -16.69 31.61 2.72
CA VAL B 555 -16.26 32.27 3.99
C VAL B 555 -16.65 31.42 5.21
N THR B 556 -17.55 30.44 5.08
CA THR B 556 -18.01 29.66 6.26
C THR B 556 -17.57 28.20 6.15
N PRO B 557 -16.26 27.84 6.20
CA PRO B 557 -15.86 26.44 6.04
C PRO B 557 -16.37 25.54 7.16
N ARG B 558 -16.84 24.35 6.79
CA ARG B 558 -17.30 23.37 7.80
C ARG B 558 -16.05 22.63 8.26
N SER B 559 -15.16 23.36 8.95
CA SER B 559 -13.85 22.81 9.34
C SER B 559 -13.87 22.16 10.73
N LYS B 560 -13.49 20.89 10.81
CA LYS B 560 -13.43 20.17 12.11
C LYS B 560 -12.00 20.24 12.68
N GLU B 565 -2.43 23.05 13.69
CA GLU B 565 -2.36 22.50 12.32
C GLU B 565 -1.33 23.30 11.50
N THR B 566 -0.58 22.63 10.62
CA THR B 566 0.51 23.29 9.87
C THR B 566 0.01 24.22 8.77
N GLU B 567 0.87 25.16 8.38
CA GLU B 567 0.56 26.09 7.29
C GLU B 567 0.31 25.31 6.01
N THR B 568 1.07 24.23 5.79
CA THR B 568 0.94 23.41 4.56
C THR B 568 -0.46 22.84 4.45
N MET B 569 -0.97 22.23 5.50
CA MET B 569 -2.32 21.63 5.48
C MET B 569 -3.37 22.73 5.27
N ARG B 570 -3.15 23.89 5.86
CA ARG B 570 -4.09 25.03 5.67
C ARG B 570 -4.10 25.47 4.22
N GLU B 571 -2.93 25.55 3.59
CA GLU B 571 -2.81 25.95 2.17
C GLU B 571 -3.48 24.90 1.28
N ARG B 572 -3.27 23.62 1.56
CA ARG B 572 -3.93 22.54 0.79
C ARG B 572 -5.45 22.64 0.96
N THR B 573 -5.91 22.94 2.17
CA THR B 573 -7.36 22.98 2.46
C THR B 573 -8.00 24.06 1.57
N LEU B 574 -7.39 25.23 1.47
CA LEU B 574 -7.90 26.31 0.59
C LEU B 574 -7.99 25.83 -0.86
N PHE B 575 -6.95 25.15 -1.35
CA PHE B 575 -6.94 24.63 -2.74
C PHE B 575 -8.07 23.63 -2.92
N ASP B 576 -8.21 22.70 -1.99
CA ASP B 576 -9.23 21.64 -2.09
C ASP B 576 -10.64 22.23 -2.04
N ARG B 577 -10.85 23.20 -1.15
CA ARG B 577 -12.18 23.84 -1.00
C ARG B 577 -12.52 24.62 -2.27
N ALA B 578 -11.55 25.34 -2.82
CA ALA B 578 -11.77 26.12 -4.05
C ALA B 578 -12.13 25.18 -5.21
N ARG B 579 -11.41 24.07 -5.32
CA ARG B 579 -11.69 23.08 -6.37
C ARG B 579 -13.09 22.49 -6.18
N GLY B 580 -13.44 22.14 -4.94
CA GLY B 580 -14.76 21.56 -4.63
C GLY B 580 -15.90 22.45 -5.04
N LEU B 581 -15.81 23.73 -4.69
CA LEU B 581 -16.92 24.68 -5.00
C LEU B 581 -17.04 24.85 -6.51
N LEU B 582 -15.94 24.88 -7.26
CA LEU B 582 -16.00 24.96 -8.73
C LEU B 582 -16.77 23.75 -9.28
N VAL B 583 -16.45 22.54 -8.82
CA VAL B 583 -17.11 21.28 -9.28
C VAL B 583 -18.59 21.31 -8.90
N THR B 584 -18.91 21.86 -7.73
CA THR B 584 -20.32 22.03 -7.26
C THR B 584 -21.07 23.08 -8.12
N GLY B 585 -20.39 23.91 -8.92
CA GLY B 585 -21.15 24.82 -9.79
C GLY B 585 -20.67 26.25 -9.77
N ALA B 586 -19.72 26.59 -8.91
CA ALA B 586 -19.18 27.96 -8.83
C ALA B 586 -18.42 28.31 -10.12
N VAL B 587 -18.06 27.31 -10.91
CA VAL B 587 -17.37 27.54 -12.21
C VAL B 587 -18.35 28.22 -13.18
N PHE B 588 -19.65 28.09 -12.95
CA PHE B 588 -20.69 28.66 -13.85
C PHE B 588 -21.10 30.07 -13.39
N ASP B 589 -20.49 30.58 -12.32
CA ASP B 589 -20.71 31.99 -11.90
C ASP B 589 -19.44 32.78 -12.18
N GLU B 590 -19.53 33.91 -12.87
CA GLU B 590 -18.33 34.69 -13.28
C GLU B 590 -17.45 35.05 -12.07
N ARG B 591 -18.02 35.70 -11.06
CA ARG B 591 -17.21 36.15 -9.90
C ARG B 591 -16.71 34.97 -9.06
N ALA B 592 -17.50 33.92 -8.88
CA ALA B 592 -17.08 32.74 -8.09
C ALA B 592 -15.94 31.99 -8.80
N ARG B 593 -16.02 31.85 -10.11
CA ARG B 593 -14.95 31.21 -10.91
C ARG B 593 -13.64 31.98 -10.70
N GLY B 594 -13.74 33.31 -10.72
CA GLY B 594 -12.57 34.17 -10.49
C GLY B 594 -11.97 34.01 -9.13
N LEU B 595 -12.79 34.00 -8.08
CA LEU B 595 -12.27 33.90 -6.70
C LEU B 595 -11.58 32.55 -6.51
N MET B 596 -12.22 31.48 -6.94
CA MET B 596 -11.66 30.12 -6.74
C MET B 596 -10.38 29.97 -7.56
N GLY B 597 -10.35 30.54 -8.76
CA GLY B 597 -9.12 30.53 -9.59
C GLY B 597 -8.00 31.24 -8.87
N ALA B 598 -8.32 32.35 -8.22
CA ALA B 598 -7.30 33.13 -7.50
C ALA B 598 -6.72 32.30 -6.36
N VAL B 599 -7.55 31.56 -5.64
CA VAL B 599 -7.08 30.71 -4.51
C VAL B 599 -6.20 29.58 -5.05
N ILE B 600 -6.63 28.92 -6.13
CA ILE B 600 -5.86 27.80 -6.74
C ILE B 600 -4.50 28.34 -7.24
N ASN B 601 -4.50 29.49 -7.90
CA ASN B 601 -3.26 30.08 -8.47
C ASN B 601 -2.33 30.52 -7.34
N SER B 602 -2.87 30.93 -6.21
CA SER B 602 -2.07 31.38 -5.04
C SER B 602 -1.46 30.19 -4.30
N THR B 603 -1.91 28.98 -4.57
CA THR B 603 -1.39 27.76 -3.92
C THR B 603 0.01 27.44 -4.45
N ALA B 604 0.96 27.23 -3.55
CA ALA B 604 2.34 26.87 -3.93
C ALA B 604 2.38 25.60 -4.75
N PRO B 605 3.30 25.45 -5.75
CA PRO B 605 3.45 24.21 -6.52
C PRO B 605 3.62 22.93 -5.70
N GLU B 606 4.41 22.99 -4.63
CA GLU B 606 4.65 21.82 -3.77
C GLU B 606 3.35 21.37 -3.08
N VAL B 607 2.50 22.31 -2.68
CA VAL B 607 1.20 21.99 -2.00
C VAL B 607 0.26 21.36 -3.03
N VAL B 608 0.25 21.85 -4.27
CA VAL B 608 -0.59 21.28 -5.34
C VAL B 608 -0.14 19.85 -5.62
N CYS B 609 1.17 19.59 -5.68
CA CYS B 609 1.69 18.26 -6.12
C CYS B 609 2.04 17.31 -4.99
N MET B 610 1.84 17.70 -3.73
CA MET B 610 2.19 16.85 -2.56
C MET B 610 1.30 15.61 -2.47
N ARG B 611 1.81 14.57 -1.82
CA ARG B 611 1.02 13.34 -1.60
C ARG B 611 -0.11 13.66 -0.63
N VAL B 612 -1.34 13.36 -1.00
CA VAL B 612 -2.51 13.72 -0.14
C VAL B 612 -3.43 12.52 0.03
N GLN B 613 -4.21 12.54 1.11
CA GLN B 613 -5.23 11.47 1.28
C GLN B 613 -6.33 11.74 0.26
N GLU B 614 -6.66 10.74 -0.53
CA GLU B 614 -7.72 10.90 -1.55
C GLU B 614 -8.91 10.01 -1.17
N GLY B 615 -9.81 9.77 -2.13
CA GLY B 615 -10.99 8.93 -1.87
C GLY B 615 -10.64 7.67 -1.11
N ILE B 637 -1.81 11.86 -4.41
CA ILE B 637 -1.44 12.90 -5.40
C ILE B 637 -2.63 13.47 -6.18
N SER B 638 -3.24 14.58 -5.75
CA SER B 638 -4.34 15.26 -6.50
C SER B 638 -3.87 16.62 -7.01
N ASP B 639 -3.25 16.66 -8.19
CA ASP B 639 -2.63 17.92 -8.70
C ASP B 639 -3.41 18.51 -9.87
N GLY B 640 -4.64 18.08 -10.07
CA GLY B 640 -5.47 18.67 -11.12
C GLY B 640 -6.31 19.85 -10.66
N TYR B 641 -6.93 20.53 -11.60
CA TYR B 641 -7.79 21.69 -11.27
C TYR B 641 -9.07 21.57 -12.10
N PRO B 642 -10.22 22.11 -11.62
CA PRO B 642 -11.47 22.05 -12.35
C PRO B 642 -11.63 23.16 -13.38
N SER B 643 -11.21 22.90 -14.61
CA SER B 643 -11.44 23.85 -15.72
C SER B 643 -12.94 23.97 -16.01
N TYR B 644 -13.37 25.06 -16.63
CA TYR B 644 -14.77 25.19 -17.05
C TYR B 644 -15.17 23.97 -17.90
N ASP B 645 -14.33 23.62 -18.87
CA ASP B 645 -14.68 22.51 -19.80
C ASP B 645 -14.77 21.17 -19.09
N TRP B 646 -13.87 20.91 -18.14
CA TRP B 646 -13.92 19.64 -17.38
C TRP B 646 -15.25 19.55 -16.61
N VAL B 647 -15.66 20.62 -15.94
CA VAL B 647 -16.89 20.59 -15.12
C VAL B 647 -18.10 20.44 -16.04
N VAL B 648 -18.08 21.08 -17.21
CA VAL B 648 -19.17 20.89 -18.20
C VAL B 648 -19.22 19.41 -18.58
N SER B 649 -18.07 18.81 -18.80
CA SER B 649 -17.98 17.37 -19.17
C SER B 649 -18.52 16.49 -18.04
N LEU B 650 -18.22 16.81 -16.78
CA LEU B 650 -18.74 16.04 -15.62
C LEU B 650 -20.27 16.03 -15.62
N TYR B 651 -20.90 17.19 -15.81
CA TYR B 651 -22.38 17.28 -15.75
C TYR B 651 -22.98 16.68 -17.03
N SER B 652 -22.20 16.61 -18.11
CA SER B 652 -22.68 15.96 -19.36
C SER B 652 -22.65 14.44 -19.21
N ARG B 653 -23.15 13.73 -20.24
CA ARG B 653 -23.13 12.24 -20.23
C ARG B 653 -21.79 11.72 -20.77
N ASP B 654 -20.80 12.60 -20.84
CA ASP B 654 -19.47 12.21 -21.37
C ASP B 654 -18.83 11.15 -20.49
N HIS B 655 -17.99 10.33 -21.10
CA HIS B 655 -17.23 9.34 -20.30
C HIS B 655 -16.36 10.09 -19.28
N PRO B 656 -16.15 9.56 -18.04
CA PRO B 656 -15.29 10.23 -17.08
C PRO B 656 -13.86 10.54 -17.56
N CYS B 657 -13.35 11.72 -17.19
CA CYS B 657 -11.96 12.12 -17.53
C CYS B 657 -11.26 12.71 -16.31
N ASP B 658 -9.94 12.67 -16.31
CA ASP B 658 -9.17 13.29 -15.20
C ASP B 658 -9.19 14.80 -15.36
N MET B 659 -9.10 15.51 -14.24
CA MET B 659 -9.02 16.99 -14.29
C MET B 659 -7.76 17.39 -15.04
N PRO B 660 -7.73 18.50 -15.81
CA PRO B 660 -6.48 18.98 -16.40
C PRO B 660 -5.43 19.28 -15.32
N ARG B 661 -4.18 18.97 -15.60
CA ARG B 661 -3.10 19.17 -14.61
C ARG B 661 -2.71 20.65 -14.49
N VAL B 662 -2.46 21.09 -13.26
CA VAL B 662 -1.96 22.47 -13.02
C VAL B 662 -0.56 22.53 -13.63
N PHE B 663 0.25 21.50 -13.37
CA PHE B 663 1.63 21.40 -13.93
C PHE B 663 1.69 20.16 -14.82
N PRO B 664 1.54 20.28 -16.17
CA PRO B 664 1.54 19.11 -17.05
C PRO B 664 2.87 18.33 -17.03
N GLU B 665 3.97 18.97 -16.68
CA GLU B 665 5.29 18.31 -16.68
C GLU B 665 5.68 17.85 -15.26
N ALA B 666 4.79 17.97 -14.28
CA ALA B 666 5.13 17.65 -12.87
C ALA B 666 5.61 16.21 -12.73
N ALA B 667 4.87 15.25 -13.29
CA ALA B 667 5.24 13.83 -13.16
C ALA B 667 6.66 13.60 -13.67
N THR B 668 6.96 14.10 -14.86
CA THR B 668 8.29 13.86 -15.47
C THR B 668 9.36 14.60 -14.66
N LEU B 669 9.05 15.78 -14.14
CA LEU B 669 10.06 16.55 -13.39
C LEU B 669 10.32 15.88 -12.03
N ILE B 670 9.29 15.37 -11.37
CA ILE B 670 9.42 14.74 -10.02
C ILE B 670 10.17 13.42 -10.17
N ALA B 671 9.81 12.61 -11.16
CA ALA B 671 10.52 11.35 -11.43
C ALA B 671 11.91 11.63 -11.98
N SER B 672 12.20 12.88 -12.38
CA SER B 672 13.48 13.29 -13.00
C SER B 672 13.72 12.53 -14.31
N TYR B 673 12.67 11.94 -14.87
CA TYR B 673 12.84 11.10 -16.08
C TYR B 673 11.64 11.18 -17.03
N ARG B 674 11.91 11.42 -18.31
CA ARG B 674 10.85 11.38 -19.35
C ARG B 674 11.24 10.31 -20.38
N LYS B 675 10.33 9.41 -20.71
CA LYS B 675 10.64 8.28 -21.63
C LYS B 675 11.01 8.77 -23.03
N GLN B 676 12.13 8.30 -23.58
CA GLN B 676 12.50 8.63 -24.99
C GLN B 676 12.47 7.30 -25.75
N VAL B 677 11.71 7.25 -26.83
CA VAL B 677 11.56 5.97 -27.58
C VAL B 677 12.89 5.59 -28.20
N MET B 678 13.38 4.39 -27.88
CA MET B 678 14.69 3.91 -28.41
C MET B 678 14.47 2.54 -29.07
N ASP B 679 14.47 2.49 -30.40
CA ASP B 679 14.15 1.23 -31.12
C ASP B 679 15.34 0.28 -31.21
N THR B 680 15.08 -1.01 -31.02
CA THR B 680 16.14 -2.04 -31.09
C THR B 680 16.16 -2.64 -32.50
N ARG B 681 15.20 -2.26 -33.35
CA ARG B 681 15.09 -2.84 -34.72
C ARG B 681 15.76 -1.90 -35.73
N VAL B 682 16.54 -0.95 -35.25
CA VAL B 682 17.29 -0.03 -36.16
C VAL B 682 18.30 -0.81 -37.00
N VAL B 683 18.81 -0.16 -38.04
CA VAL B 683 19.85 -0.79 -38.89
C VAL B 683 21.17 -0.12 -38.54
N ILE B 684 22.15 -0.91 -38.11
CA ILE B 684 23.45 -0.32 -37.66
C ILE B 684 24.53 -0.65 -38.70
C1 PEG G . 42.94 -20.61 -2.51
O1 PEG G . 43.45 -20.70 -1.19
C2 PEG G . 41.45 -20.65 -2.54
O2 PEG G . 40.97 -19.55 -3.32
C3 PEG G . 39.55 -19.44 -3.32
C4 PEG G . 39.03 -19.83 -4.66
O4 PEG G . 38.72 -18.70 -5.45
C1 PEG H . -36.69 26.11 9.55
O1 PEG H . -36.24 27.18 10.35
C2 PEG H . -35.58 25.17 9.19
O2 PEG H . -35.97 23.83 9.49
C3 PEG H . -34.90 22.91 9.36
C4 PEG H . -34.87 22.02 10.57
O4 PEG H . -34.98 20.65 10.20
#